data_1D92
# 
_entry.id   1D92 
# 
_audit_conform.dict_name       mmcif_pdbx.dic 
_audit_conform.dict_version    5.385 
_audit_conform.dict_location   http://mmcif.pdb.org/dictionaries/ascii/mmcif_pdbx.dic 
# 
loop_
_database_2.database_id 
_database_2.database_code 
_database_2.pdbx_database_accession 
_database_2.pdbx_DOI 
PDB   1D92         pdb_00001d92 10.2210/pdb1d92/pdb 
RCSB  ADH019       ?            ?                   
WWPDB D_1000172689 ?            ?                   
# 
loop_
_pdbx_audit_revision_history.ordinal 
_pdbx_audit_revision_history.data_content_type 
_pdbx_audit_revision_history.major_revision 
_pdbx_audit_revision_history.minor_revision 
_pdbx_audit_revision_history.revision_date 
1 'Structure model' 1 0 1993-07-15 
2 'Structure model' 1 1 2008-05-22 
3 'Structure model' 1 2 2011-07-13 
4 'Structure model' 1 3 2024-02-07 
# 
_pdbx_audit_revision_details.ordinal             1 
_pdbx_audit_revision_details.revision_ordinal    1 
_pdbx_audit_revision_details.data_content_type   'Structure model' 
_pdbx_audit_revision_details.provider            repository 
_pdbx_audit_revision_details.type                'Initial release' 
_pdbx_audit_revision_details.description         ? 
_pdbx_audit_revision_details.details             ? 
# 
loop_
_pdbx_audit_revision_group.ordinal 
_pdbx_audit_revision_group.revision_ordinal 
_pdbx_audit_revision_group.data_content_type 
_pdbx_audit_revision_group.group 
1 2 'Structure model' 'Version format compliance' 
2 3 'Structure model' 'Version format compliance' 
3 4 'Structure model' 'Data collection'           
4 4 'Structure model' 'Database references'       
# 
loop_
_pdbx_audit_revision_category.ordinal 
_pdbx_audit_revision_category.revision_ordinal 
_pdbx_audit_revision_category.data_content_type 
_pdbx_audit_revision_category.category 
1 4 'Structure model' chem_comp_atom 
2 4 'Structure model' chem_comp_bond 
3 4 'Structure model' database_2     
# 
loop_
_pdbx_audit_revision_item.ordinal 
_pdbx_audit_revision_item.revision_ordinal 
_pdbx_audit_revision_item.data_content_type 
_pdbx_audit_revision_item.item 
1 4 'Structure model' '_database_2.pdbx_DOI'                
2 4 'Structure model' '_database_2.pdbx_database_accession' 
# 
_pdbx_database_status.status_code                     REL 
_pdbx_database_status.entry_id                        1D92 
_pdbx_database_status.recvd_initial_deposition_date   1992-10-17 
_pdbx_database_status.deposit_site                    BNL 
_pdbx_database_status.process_site                    NDB 
_pdbx_database_status.SG_entry                        . 
_pdbx_database_status.pdb_format_compatible           Y 
_pdbx_database_status.status_code_mr                  ? 
_pdbx_database_status.status_code_sf                  ? 
_pdbx_database_status.status_code_cs                  ? 
_pdbx_database_status.status_code_nmr_data            ? 
_pdbx_database_status.methods_development_category    ? 
# 
loop_
_audit_author.name 
_audit_author.pdbx_ordinal 
'Hunter, W.N.'   1 
'Kneale, G.'     2 
'Brown, T.'      3 
'Rabinovich, D.' 4 
'Kennard, O.'    5 
# 
loop_
_citation.id 
_citation.title 
_citation.journal_abbrev 
_citation.journal_volume 
_citation.page_first 
_citation.page_last 
_citation.year 
_citation.journal_id_ASTM 
_citation.country 
_citation.journal_id_ISSN 
_citation.journal_id_CSD 
_citation.book_publisher 
_citation.pdbx_database_id_PubMed 
_citation.pdbx_database_id_DOI 
primary 'Refined crystal structure of an octanucleotide duplex with G . T mismatched base-pairs.'                     J.Mol.Biol. 
190 605 618 1986 JMOBAK UK 0022-2836 0070 ? 3783714 '10.1016/0022-2836(86)90246-9' 
1       'High-Resolution Structure of a DNA Helix Containing Mismatched Base Pairs'                                   Nature 315 
604 606 1985 NATUAS UK 0028-0836 0006 ? ?       ?                              
2       'Structural Studies of DNA Fragments. The G.T Wobble Base Pair in A, B and Z DNA. The G.A Base Pair in B-DNA' 
J.Biomol.Struct.Dyn. 3   205 226 1985 JBSDD6 US 0739-1102 0646 ? ?       ?                              
# 
loop_
_citation_author.citation_id 
_citation_author.name 
_citation_author.ordinal 
_citation_author.identifier_ORCID 
primary 'Hunter, W.N.'   1  ? 
primary 'Kneale, G.'     2  ? 
primary 'Brown, T.'      3  ? 
primary 'Rabinovich, D.' 4  ? 
primary 'Kennard, O.'    5  ? 
1       'Brown, T.'      6  ? 
1       'Kennard, O.'    7  ? 
1       'Kneale, G.'     8  ? 
1       'Rabinovich, D.' 9  ? 
2       'Kennard, O.'    10 ? 
# 
loop_
_entity.id 
_entity.type 
_entity.src_method 
_entity.pdbx_description 
_entity.formula_weight 
_entity.pdbx_number_of_molecules 
_entity.pdbx_ec 
_entity.pdbx_mutation 
_entity.pdbx_fragment 
_entity.details 
1 polymer syn 
;DNA (5'-D(*GP*GP*GP*GP*CP*TP*CP*C)-3')
;
2443.604 2  ? ? ? ? 
2 water   nat water                                    18.015   52 ? ? ? ? 
# 
_entity_poly.entity_id                      1 
_entity_poly.type                           polydeoxyribonucleotide 
_entity_poly.nstd_linkage                   no 
_entity_poly.nstd_monomer                   no 
_entity_poly.pdbx_seq_one_letter_code       '(DG)(DG)(DG)(DG)(DC)(DT)(DC)(DC)' 
_entity_poly.pdbx_seq_one_letter_code_can   GGGGCTCC 
_entity_poly.pdbx_strand_id                 A,B 
_entity_poly.pdbx_target_identifier         ? 
# 
_pdbx_entity_nonpoly.entity_id   2 
_pdbx_entity_nonpoly.name        water 
_pdbx_entity_nonpoly.comp_id     HOH 
# 
loop_
_entity_poly_seq.entity_id 
_entity_poly_seq.num 
_entity_poly_seq.mon_id 
_entity_poly_seq.hetero 
1 1 DG n 
1 2 DG n 
1 3 DG n 
1 4 DG n 
1 5 DC n 
1 6 DT n 
1 7 DC n 
1 8 DC n 
# 
loop_
_chem_comp.id 
_chem_comp.type 
_chem_comp.mon_nstd_flag 
_chem_comp.name 
_chem_comp.pdbx_synonyms 
_chem_comp.formula 
_chem_comp.formula_weight 
DC  'DNA linking' y "2'-DEOXYCYTIDINE-5'-MONOPHOSPHATE"  ? 'C9 H14 N3 O7 P'  307.197 
DG  'DNA linking' y "2'-DEOXYGUANOSINE-5'-MONOPHOSPHATE" ? 'C10 H14 N5 O7 P' 347.221 
DT  'DNA linking' y "THYMIDINE-5'-MONOPHOSPHATE"         ? 'C10 H15 N2 O8 P' 322.208 
HOH non-polymer   . WATER                                ? 'H2 O'            18.015  
# 
loop_
_pdbx_poly_seq_scheme.asym_id 
_pdbx_poly_seq_scheme.entity_id 
_pdbx_poly_seq_scheme.seq_id 
_pdbx_poly_seq_scheme.mon_id 
_pdbx_poly_seq_scheme.ndb_seq_num 
_pdbx_poly_seq_scheme.pdb_seq_num 
_pdbx_poly_seq_scheme.auth_seq_num 
_pdbx_poly_seq_scheme.pdb_mon_id 
_pdbx_poly_seq_scheme.auth_mon_id 
_pdbx_poly_seq_scheme.pdb_strand_id 
_pdbx_poly_seq_scheme.pdb_ins_code 
_pdbx_poly_seq_scheme.hetero 
A 1 1 DG 1 1  1  DG G A . n 
A 1 2 DG 2 2  2  DG G A . n 
A 1 3 DG 3 3  3  DG G A . n 
A 1 4 DG 4 4  4  DG G A . n 
A 1 5 DC 5 5  5  DC C A . n 
A 1 6 DT 6 6  6  DT T A . n 
A 1 7 DC 7 7  7  DC C A . n 
A 1 8 DC 8 8  8  DC C A . n 
B 1 1 DG 1 9  9  DG G B . n 
B 1 2 DG 2 10 10 DG G B . n 
B 1 3 DG 3 11 11 DG G B . n 
B 1 4 DG 4 12 12 DG G B . n 
B 1 5 DC 5 13 13 DC C B . n 
B 1 6 DT 6 14 14 DT T B . n 
B 1 7 DC 7 15 15 DC C B . n 
B 1 8 DC 8 16 16 DC C B . n 
# 
loop_
_pdbx_nonpoly_scheme.asym_id 
_pdbx_nonpoly_scheme.entity_id 
_pdbx_nonpoly_scheme.mon_id 
_pdbx_nonpoly_scheme.ndb_seq_num 
_pdbx_nonpoly_scheme.pdb_seq_num 
_pdbx_nonpoly_scheme.auth_seq_num 
_pdbx_nonpoly_scheme.pdb_mon_id 
_pdbx_nonpoly_scheme.auth_mon_id 
_pdbx_nonpoly_scheme.pdb_strand_id 
_pdbx_nonpoly_scheme.pdb_ins_code 
C 2 HOH 1  21 21 HOH HOH A . 
C 2 HOH 2  23 23 HOH HOH A . 
C 2 HOH 3  24 24 HOH HOH A . 
C 2 HOH 4  26 26 HOH HOH A . 
C 2 HOH 5  29 29 HOH HOH A . 
C 2 HOH 6  30 30 HOH HOH A . 
C 2 HOH 7  31 31 HOH HOH A . 
C 2 HOH 8  34 34 HOH HOH A . 
C 2 HOH 9  35 35 HOH HOH A . 
C 2 HOH 10 36 36 HOH HOH A . 
C 2 HOH 11 37 37 HOH HOH A . 
C 2 HOH 12 39 39 HOH HOH A . 
C 2 HOH 13 42 42 HOH HOH A . 
C 2 HOH 14 46 46 HOH HOH A . 
C 2 HOH 15 49 49 HOH HOH A . 
C 2 HOH 16 52 52 HOH HOH A . 
C 2 HOH 17 54 54 HOH HOH A . 
C 2 HOH 18 55 55 HOH HOH A . 
C 2 HOH 19 57 57 HOH HOH A . 
C 2 HOH 20 58 58 HOH HOH A . 
C 2 HOH 21 59 59 HOH HOH A . 
C 2 HOH 22 60 60 HOH HOH A . 
C 2 HOH 23 62 62 HOH HOH A . 
C 2 HOH 24 64 64 HOH HOH A . 
C 2 HOH 25 65 65 HOH HOH A . 
C 2 HOH 26 66 66 HOH HOH A . 
C 2 HOH 27 67 67 HOH HOH A . 
C 2 HOH 28 68 68 HOH HOH A . 
D 2 HOH 1  17 17 HOH HOH B . 
D 2 HOH 2  18 18 HOH HOH B . 
D 2 HOH 3  19 19 HOH HOH B . 
D 2 HOH 4  20 20 HOH HOH B . 
D 2 HOH 5  22 22 HOH HOH B . 
D 2 HOH 6  25 25 HOH HOH B . 
D 2 HOH 7  27 27 HOH HOH B . 
D 2 HOH 8  28 28 HOH HOH B . 
D 2 HOH 9  32 32 HOH HOH B . 
D 2 HOH 10 33 33 HOH HOH B . 
D 2 HOH 11 38 38 HOH HOH B . 
D 2 HOH 12 40 40 HOH HOH B . 
D 2 HOH 13 41 41 HOH HOH B . 
D 2 HOH 14 43 43 HOH HOH B . 
D 2 HOH 15 44 44 HOH HOH B . 
D 2 HOH 16 45 45 HOH HOH B . 
D 2 HOH 17 47 47 HOH HOH B . 
D 2 HOH 18 48 48 HOH HOH B . 
D 2 HOH 19 50 50 HOH HOH B . 
D 2 HOH 20 51 51 HOH HOH B . 
D 2 HOH 21 53 53 HOH HOH B . 
D 2 HOH 22 56 56 HOH HOH B . 
D 2 HOH 23 61 61 HOH HOH B . 
D 2 HOH 24 63 63 HOH HOH B . 
# 
_software.name             NUCLSQ 
_software.classification   refinement 
_software.version          . 
_software.citation_id      ? 
_software.pdbx_ordinal     1 
# 
_cell.entry_id           1D92 
_cell.length_a           45.200 
_cell.length_b           45.200 
_cell.length_c           42.970 
_cell.angle_alpha        90.00 
_cell.angle_beta         90.00 
_cell.angle_gamma        120.00 
_cell.Z_PDB              12 
_cell.pdbx_unique_axis   ? 
# 
_symmetry.entry_id                         1D92 
_symmetry.space_group_name_H-M             'P 61' 
_symmetry.pdbx_full_space_group_name_H-M   ? 
_symmetry.cell_setting                     ? 
_symmetry.Int_Tables_number                169 
# 
_exptl.entry_id          1D92 
_exptl.method            'X-RAY DIFFRACTION' 
_exptl.crystals_number   ? 
# 
_exptl_crystal.id                    1 
_exptl_crystal.density_meas          ? 
_exptl_crystal.density_Matthews      2.59 
_exptl_crystal.density_percent_sol   52.56 
_exptl_crystal.description           ? 
# 
_exptl_crystal_grow.crystal_id      1 
_exptl_crystal_grow.method          'VAPOR DIFFUSION' 
_exptl_crystal_grow.temp            277.00 
_exptl_crystal_grow.temp_details    ? 
_exptl_crystal_grow.pH              6.50 
_exptl_crystal_grow.pdbx_details    'pH 6.50, VAPOR DIFFUSION, temperature 277.00K' 
_exptl_crystal_grow.pdbx_pH_range   ? 
# 
loop_
_exptl_crystal_grow_comp.crystal_id 
_exptl_crystal_grow_comp.id 
_exptl_crystal_grow_comp.sol_id 
_exptl_crystal_grow_comp.name 
_exptl_crystal_grow_comp.volume 
_exptl_crystal_grow_comp.conc 
_exptl_crystal_grow_comp.details 
1 1 1 WATER           ? ? ? 
1 2 1 'NA CACODYLATE' ? ? ? 
1 3 1 MGCL2           ? ? ? 
1 4 2 WATER           ? ? ? 
# 
_diffrn.id                     1 
_diffrn.ambient_temp           275.00 
_diffrn.ambient_temp_details   ? 
_diffrn.crystal_id             1 
# 
_diffrn_detector.diffrn_id              1 
_diffrn_detector.detector               DIFFRACTOMETER 
_diffrn_detector.type                   'SYNTEX P21' 
_diffrn_detector.pdbx_collection_date   ? 
_diffrn_detector.details                ? 
# 
_diffrn_radiation.diffrn_id                        1 
_diffrn_radiation.wavelength_id                    1 
_diffrn_radiation.pdbx_monochromatic_or_laue_m_l   ? 
_diffrn_radiation.monochromator                    ? 
_diffrn_radiation.pdbx_diffrn_protocol             ? 
_diffrn_radiation.pdbx_scattering_type             x-ray 
# 
_diffrn_radiation_wavelength.id           1 
_diffrn_radiation_wavelength.wavelength   . 
_diffrn_radiation_wavelength.wt           1.0 
# 
_diffrn_source.diffrn_id                   1 
_diffrn_source.source                      ? 
_diffrn_source.type                        ? 
_diffrn_source.pdbx_synchrotron_site       ? 
_diffrn_source.pdbx_synchrotron_beamline   ? 
_diffrn_source.pdbx_wavelength             ? 
_diffrn_source.pdbx_wavelength_list        ? 
# 
_reflns.entry_id                     1D92 
_reflns.observed_criterion_sigma_I   ? 
_reflns.observed_criterion_sigma_F   ? 
_reflns.d_resolution_low             ? 
_reflns.d_resolution_high            2.250 
_reflns.number_obs                   2414 
_reflns.number_all                   ? 
_reflns.percent_possible_obs         ? 
_reflns.pdbx_Rmerge_I_obs            ? 
_reflns.pdbx_Rsym_value              ? 
_reflns.pdbx_netI_over_sigmaI        ? 
_reflns.B_iso_Wilson_estimate        ? 
_reflns.pdbx_redundancy              ? 
_reflns.pdbx_diffrn_id               1 
_reflns.pdbx_ordinal                 1 
# 
_refine.entry_id                                 1D92 
_refine.ls_number_reflns_obs                     1924 
_refine.ls_number_reflns_all                     ? 
_refine.pdbx_ls_sigma_I                          2.000 
_refine.pdbx_ls_sigma_F                          ? 
_refine.pdbx_data_cutoff_high_absF               ? 
_refine.pdbx_data_cutoff_low_absF                ? 
_refine.pdbx_data_cutoff_high_rms_absF           ? 
_refine.ls_d_res_low                             10.000 
_refine.ls_d_res_high                            2.250 
_refine.ls_percent_reflns_obs                    ? 
_refine.ls_R_factor_obs                          0.1360000 
_refine.ls_R_factor_all                          ? 
_refine.ls_R_factor_R_work                       ? 
_refine.ls_R_factor_R_free                       ? 
_refine.ls_R_factor_R_free_error                 ? 
_refine.ls_R_factor_R_free_error_details         ? 
_refine.ls_percent_reflns_R_free                 ? 
_refine.ls_number_reflns_R_free                  ? 
_refine.ls_number_parameters                     ? 
_refine.ls_number_restraints                     ? 
_refine.occupancy_min                            ? 
_refine.occupancy_max                            ? 
_refine.B_iso_mean                               ? 
_refine.aniso_B[1][1]                            ? 
_refine.aniso_B[2][2]                            ? 
_refine.aniso_B[3][3]                            ? 
_refine.aniso_B[1][2]                            ? 
_refine.aniso_B[1][3]                            ? 
_refine.aniso_B[2][3]                            ? 
_refine.solvent_model_details                    ? 
_refine.solvent_model_param_ksol                 ? 
_refine.solvent_model_param_bsol                 ? 
_refine.pdbx_ls_cross_valid_method               ? 
_refine.details                                  ? 
_refine.pdbx_starting_model                      ? 
_refine.pdbx_method_to_determine_struct          ? 
_refine.pdbx_isotropic_thermal_model             ? 
_refine.pdbx_stereochemistry_target_values       ? 
_refine.pdbx_stereochem_target_val_spec_case     ? 
_refine.pdbx_R_Free_selection_details            ? 
_refine.pdbx_overall_ESU_R                       ? 
_refine.pdbx_overall_ESU_R_Free                  ? 
_refine.overall_SU_ML                            ? 
_refine.overall_SU_B                             ? 
_refine.pdbx_refine_id                           'X-RAY DIFFRACTION' 
_refine.pdbx_diffrn_id                           1 
_refine.pdbx_TLS_residual_ADP_flag               ? 
_refine.correlation_coeff_Fo_to_Fc               ? 
_refine.correlation_coeff_Fo_to_Fc_free          ? 
_refine.pdbx_solvent_vdw_probe_radii             ? 
_refine.pdbx_solvent_ion_probe_radii             ? 
_refine.pdbx_solvent_shrinkage_radii             ? 
_refine.pdbx_overall_phase_error                 ? 
_refine.overall_SU_R_Cruickshank_DPI             ? 
_refine.pdbx_overall_SU_R_free_Cruickshank_DPI   ? 
_refine.pdbx_overall_SU_R_Blow_DPI               ? 
_refine.pdbx_overall_SU_R_free_Blow_DPI          ? 
# 
_refine_hist.pdbx_refine_id                   'X-RAY DIFFRACTION' 
_refine_hist.cycle_id                         LAST 
_refine_hist.pdbx_number_atoms_protein        0 
_refine_hist.pdbx_number_atoms_nucleic_acid   324 
_refine_hist.pdbx_number_atoms_ligand         0 
_refine_hist.number_atoms_solvent             52 
_refine_hist.number_atoms_total               376 
_refine_hist.d_res_high                       2.250 
_refine_hist.d_res_low                        10.000 
# 
_struct.entry_id                  1D92 
_struct.title                     'REFINED CRYSTAL STRUCTURE OF AN OCTANUCLEOTIDE DUPLEX WITH G.T MISMATCHED BASE-PAIRS' 
_struct.pdbx_model_details        ? 
_struct.pdbx_CASP_flag            ? 
_struct.pdbx_model_type_details   ? 
# 
_struct_keywords.entry_id        1D92 
_struct_keywords.pdbx_keywords   DNA 
_struct_keywords.text            'A-DNA, DOUBLE HELIX, MISMATCHED, DNA' 
# 
loop_
_struct_asym.id 
_struct_asym.pdbx_blank_PDB_chainid_flag 
_struct_asym.pdbx_modified 
_struct_asym.entity_id 
_struct_asym.details 
A N N 1 ? 
B N N 1 ? 
C N N 2 ? 
D N N 2 ? 
# 
_struct_ref.id                         1 
_struct_ref.entity_id                  1 
_struct_ref.db_name                    PDB 
_struct_ref.db_code                    1D92 
_struct_ref.pdbx_db_accession          1D92 
_struct_ref.pdbx_db_isoform            ? 
_struct_ref.pdbx_seq_one_letter_code   ? 
_struct_ref.pdbx_align_begin           ? 
# 
loop_
_struct_ref_seq.align_id 
_struct_ref_seq.ref_id 
_struct_ref_seq.pdbx_PDB_id_code 
_struct_ref_seq.pdbx_strand_id 
_struct_ref_seq.seq_align_beg 
_struct_ref_seq.pdbx_seq_align_beg_ins_code 
_struct_ref_seq.seq_align_end 
_struct_ref_seq.pdbx_seq_align_end_ins_code 
_struct_ref_seq.pdbx_db_accession 
_struct_ref_seq.db_align_beg 
_struct_ref_seq.pdbx_db_align_beg_ins_code 
_struct_ref_seq.db_align_end 
_struct_ref_seq.pdbx_db_align_end_ins_code 
_struct_ref_seq.pdbx_auth_seq_align_beg 
_struct_ref_seq.pdbx_auth_seq_align_end 
1 1 1D92 A 1 ? 8 ? 1D92 1 ? 8  ? 1 8  
2 1 1D92 B 1 ? 8 ? 1D92 9 ? 16 ? 9 16 
# 
_pdbx_struct_assembly.id                   1 
_pdbx_struct_assembly.details              author_defined_assembly 
_pdbx_struct_assembly.method_details       ? 
_pdbx_struct_assembly.oligomeric_details   dimeric 
_pdbx_struct_assembly.oligomeric_count     2 
# 
_pdbx_struct_assembly_gen.assembly_id       1 
_pdbx_struct_assembly_gen.oper_expression   1 
_pdbx_struct_assembly_gen.asym_id_list      A,B,C,D 
# 
_pdbx_struct_oper_list.id                   1 
_pdbx_struct_oper_list.type                 'identity operation' 
_pdbx_struct_oper_list.name                 1_555 
_pdbx_struct_oper_list.symmetry_operation   x,y,z 
_pdbx_struct_oper_list.matrix[1][1]         1.0000000000 
_pdbx_struct_oper_list.matrix[1][2]         0.0000000000 
_pdbx_struct_oper_list.matrix[1][3]         0.0000000000 
_pdbx_struct_oper_list.vector[1]            0.0000000000 
_pdbx_struct_oper_list.matrix[2][1]         0.0000000000 
_pdbx_struct_oper_list.matrix[2][2]         1.0000000000 
_pdbx_struct_oper_list.matrix[2][3]         0.0000000000 
_pdbx_struct_oper_list.vector[2]            0.0000000000 
_pdbx_struct_oper_list.matrix[3][1]         0.0000000000 
_pdbx_struct_oper_list.matrix[3][2]         0.0000000000 
_pdbx_struct_oper_list.matrix[3][3]         1.0000000000 
_pdbx_struct_oper_list.vector[3]            0.0000000000 
# 
_struct_biol.id   1 
# 
loop_
_struct_conn.id 
_struct_conn.conn_type_id 
_struct_conn.pdbx_leaving_atom_flag 
_struct_conn.pdbx_PDB_id 
_struct_conn.ptnr1_label_asym_id 
_struct_conn.ptnr1_label_comp_id 
_struct_conn.ptnr1_label_seq_id 
_struct_conn.ptnr1_label_atom_id 
_struct_conn.pdbx_ptnr1_label_alt_id 
_struct_conn.pdbx_ptnr1_PDB_ins_code 
_struct_conn.pdbx_ptnr1_standard_comp_id 
_struct_conn.ptnr1_symmetry 
_struct_conn.ptnr2_label_asym_id 
_struct_conn.ptnr2_label_comp_id 
_struct_conn.ptnr2_label_seq_id 
_struct_conn.ptnr2_label_atom_id 
_struct_conn.pdbx_ptnr2_label_alt_id 
_struct_conn.pdbx_ptnr2_PDB_ins_code 
_struct_conn.ptnr1_auth_asym_id 
_struct_conn.ptnr1_auth_comp_id 
_struct_conn.ptnr1_auth_seq_id 
_struct_conn.ptnr2_auth_asym_id 
_struct_conn.ptnr2_auth_comp_id 
_struct_conn.ptnr2_auth_seq_id 
_struct_conn.ptnr2_symmetry 
_struct_conn.pdbx_ptnr3_label_atom_id 
_struct_conn.pdbx_ptnr3_label_seq_id 
_struct_conn.pdbx_ptnr3_label_comp_id 
_struct_conn.pdbx_ptnr3_label_asym_id 
_struct_conn.pdbx_ptnr3_label_alt_id 
_struct_conn.pdbx_ptnr3_PDB_ins_code 
_struct_conn.details 
_struct_conn.pdbx_dist_value 
_struct_conn.pdbx_value_order 
_struct_conn.pdbx_role 
hydrog1  hydrog ? ? A DG 1 N1 ? ? ? 1_555 B DC 8 N3 ? ? A DG 1 B DC 16 1_555 ? ? ? ? ? ? WATSON-CRICK ? ? ? 
hydrog2  hydrog ? ? A DG 1 N2 ? ? ? 1_555 B DC 8 O2 ? ? A DG 1 B DC 16 1_555 ? ? ? ? ? ? WATSON-CRICK ? ? ? 
hydrog3  hydrog ? ? A DG 1 O6 ? ? ? 1_555 B DC 8 N4 ? ? A DG 1 B DC 16 1_555 ? ? ? ? ? ? WATSON-CRICK ? ? ? 
hydrog4  hydrog ? ? A DG 2 N1 ? ? ? 1_555 B DC 7 N3 ? ? A DG 2 B DC 15 1_555 ? ? ? ? ? ? WATSON-CRICK ? ? ? 
hydrog5  hydrog ? ? A DG 2 N2 ? ? ? 1_555 B DC 7 O2 ? ? A DG 2 B DC 15 1_555 ? ? ? ? ? ? WATSON-CRICK ? ? ? 
hydrog6  hydrog ? ? A DG 2 O6 ? ? ? 1_555 B DC 7 N4 ? ? A DG 2 B DC 15 1_555 ? ? ? ? ? ? WATSON-CRICK ? ? ? 
hydrog7  hydrog ? ? A DG 3 N1 ? ? ? 1_555 B DT 6 O2 ? ? A DG 3 B DT 14 1_555 ? ? ? ? ? ? TYPE_28_PAIR ? ? ? 
hydrog8  hydrog ? ? A DG 3 O6 ? ? ? 1_555 B DT 6 N3 ? ? A DG 3 B DT 14 1_555 ? ? ? ? ? ? TYPE_28_PAIR ? ? ? 
hydrog9  hydrog ? ? A DG 4 N1 ? ? ? 1_555 B DC 5 N3 ? ? A DG 4 B DC 13 1_555 ? ? ? ? ? ? WATSON-CRICK ? ? ? 
hydrog10 hydrog ? ? A DG 4 N2 ? ? ? 1_555 B DC 5 O2 ? ? A DG 4 B DC 13 1_555 ? ? ? ? ? ? WATSON-CRICK ? ? ? 
hydrog11 hydrog ? ? A DG 4 O6 ? ? ? 1_555 B DC 5 N4 ? ? A DG 4 B DC 13 1_555 ? ? ? ? ? ? WATSON-CRICK ? ? ? 
hydrog12 hydrog ? ? A DC 5 N3 ? ? ? 1_555 B DG 4 N1 ? ? A DC 5 B DG 12 1_555 ? ? ? ? ? ? WATSON-CRICK ? ? ? 
hydrog13 hydrog ? ? A DC 5 N4 ? ? ? 1_555 B DG 4 O6 ? ? A DC 5 B DG 12 1_555 ? ? ? ? ? ? WATSON-CRICK ? ? ? 
hydrog14 hydrog ? ? A DC 5 O2 ? ? ? 1_555 B DG 4 N2 ? ? A DC 5 B DG 12 1_555 ? ? ? ? ? ? WATSON-CRICK ? ? ? 
hydrog15 hydrog ? ? A DT 6 N3 ? ? ? 1_555 B DG 3 O6 ? ? A DT 6 B DG 11 1_555 ? ? ? ? ? ? TYPE_28_PAIR ? ? ? 
hydrog16 hydrog ? ? A DT 6 O2 ? ? ? 1_555 B DG 3 N1 ? ? A DT 6 B DG 11 1_555 ? ? ? ? ? ? TYPE_28_PAIR ? ? ? 
hydrog17 hydrog ? ? A DC 7 N3 ? ? ? 1_555 B DG 2 N1 ? ? A DC 7 B DG 10 1_555 ? ? ? ? ? ? WATSON-CRICK ? ? ? 
hydrog18 hydrog ? ? A DC 7 N4 ? ? ? 1_555 B DG 2 O6 ? ? A DC 7 B DG 10 1_555 ? ? ? ? ? ? WATSON-CRICK ? ? ? 
hydrog19 hydrog ? ? A DC 7 O2 ? ? ? 1_555 B DG 2 N2 ? ? A DC 7 B DG 10 1_555 ? ? ? ? ? ? WATSON-CRICK ? ? ? 
hydrog20 hydrog ? ? A DC 8 N3 ? ? ? 1_555 B DG 1 N1 ? ? A DC 8 B DG 9  1_555 ? ? ? ? ? ? WATSON-CRICK ? ? ? 
hydrog21 hydrog ? ? A DC 8 N4 ? ? ? 1_555 B DG 1 O6 ? ? A DC 8 B DG 9  1_555 ? ? ? ? ? ? WATSON-CRICK ? ? ? 
hydrog22 hydrog ? ? A DC 8 O2 ? ? ? 1_555 B DG 1 N2 ? ? A DC 8 B DG 9  1_555 ? ? ? ? ? ? WATSON-CRICK ? ? ? 
# 
_struct_conn_type.id          hydrog 
_struct_conn_type.criteria    ? 
_struct_conn_type.reference   ? 
# 
loop_
_pdbx_validate_rmsd_bond.id 
_pdbx_validate_rmsd_bond.PDB_model_num 
_pdbx_validate_rmsd_bond.auth_atom_id_1 
_pdbx_validate_rmsd_bond.auth_asym_id_1 
_pdbx_validate_rmsd_bond.auth_comp_id_1 
_pdbx_validate_rmsd_bond.auth_seq_id_1 
_pdbx_validate_rmsd_bond.PDB_ins_code_1 
_pdbx_validate_rmsd_bond.label_alt_id_1 
_pdbx_validate_rmsd_bond.auth_atom_id_2 
_pdbx_validate_rmsd_bond.auth_asym_id_2 
_pdbx_validate_rmsd_bond.auth_comp_id_2 
_pdbx_validate_rmsd_bond.auth_seq_id_2 
_pdbx_validate_rmsd_bond.PDB_ins_code_2 
_pdbx_validate_rmsd_bond.label_alt_id_2 
_pdbx_validate_rmsd_bond.bond_value 
_pdbx_validate_rmsd_bond.bond_target_value 
_pdbx_validate_rmsd_bond.bond_deviation 
_pdbx_validate_rmsd_bond.bond_standard_deviation 
_pdbx_validate_rmsd_bond.linker_flag 
1 1 "C5'" A DG 3  ? ? "C4'" A DG 3  ? ? 1.439 1.509 -0.070 0.011 N 
2 1 N1    A DC 8  ? ? C2    A DC 8  ? ? 1.466 1.397 0.069  0.010 N 
3 1 N7    B DG 12 ? ? C8    B DG 12 ? ? 1.261 1.305 -0.044 0.006 N 
4 1 "O4'" B DT 14 ? ? "C1'" B DT 14 ? ? 1.489 1.420 0.069  0.011 N 
5 1 "O3'" B DC 15 ? ? "C3'" B DC 15 ? ? 1.357 1.419 -0.062 0.006 N 
# 
loop_
_pdbx_validate_rmsd_angle.id 
_pdbx_validate_rmsd_angle.PDB_model_num 
_pdbx_validate_rmsd_angle.auth_atom_id_1 
_pdbx_validate_rmsd_angle.auth_asym_id_1 
_pdbx_validate_rmsd_angle.auth_comp_id_1 
_pdbx_validate_rmsd_angle.auth_seq_id_1 
_pdbx_validate_rmsd_angle.PDB_ins_code_1 
_pdbx_validate_rmsd_angle.label_alt_id_1 
_pdbx_validate_rmsd_angle.auth_atom_id_2 
_pdbx_validate_rmsd_angle.auth_asym_id_2 
_pdbx_validate_rmsd_angle.auth_comp_id_2 
_pdbx_validate_rmsd_angle.auth_seq_id_2 
_pdbx_validate_rmsd_angle.PDB_ins_code_2 
_pdbx_validate_rmsd_angle.label_alt_id_2 
_pdbx_validate_rmsd_angle.auth_atom_id_3 
_pdbx_validate_rmsd_angle.auth_asym_id_3 
_pdbx_validate_rmsd_angle.auth_comp_id_3 
_pdbx_validate_rmsd_angle.auth_seq_id_3 
_pdbx_validate_rmsd_angle.PDB_ins_code_3 
_pdbx_validate_rmsd_angle.label_alt_id_3 
_pdbx_validate_rmsd_angle.angle_value 
_pdbx_validate_rmsd_angle.angle_target_value 
_pdbx_validate_rmsd_angle.angle_deviation 
_pdbx_validate_rmsd_angle.angle_standard_deviation 
_pdbx_validate_rmsd_angle.linker_flag 
1  1 "O4'" A DG 1  ? ? "C1'" A DG 1  ? ? N9    A DG 1  ? ? 111.34 108.30 3.04   0.30 N 
2  1 N3    A DG 1  ? ? C2    A DG 1  ? ? N2    A DG 1  ? ? 115.53 119.90 -4.37  0.70 N 
3  1 N1    A DG 1  ? ? C6    A DG 1  ? ? O6    A DG 1  ? ? 124.00 119.90 4.10   0.60 N 
4  1 "O4'" A DG 2  ? ? "C1'" A DG 2  ? ? N9    A DG 2  ? ? 111.25 108.30 2.95   0.30 N 
5  1 "C3'" A DG 3  ? ? "C2'" A DG 3  ? ? "C1'" A DG 3  ? ? 96.05  102.40 -6.35  0.80 N 
6  1 N1    A DG 3  ? ? C6    A DG 3  ? ? O6    A DG 3  ? ? 125.88 119.90 5.98   0.60 N 
7  1 C5    A DG 3  ? ? C6    A DG 3  ? ? O6    A DG 3  ? ? 123.27 128.60 -5.33  0.60 N 
8  1 "O4'" A DG 4  ? ? "C1'" A DG 4  ? ? "C2'" A DG 4  ? ? 110.57 106.80 3.77   0.50 N 
9  1 N3    A DG 4  ? ? C2    A DG 4  ? ? N2    A DG 4  ? ? 115.34 119.90 -4.56  0.70 N 
10 1 "O4'" A DC 5  ? ? "C1'" A DC 5  ? ? N1    A DC 5  ? ? 115.44 108.30 7.14   0.30 N 
11 1 OP1   A DT 6  ? ? P     A DT 6  ? ? OP2   A DT 6  ? ? 105.68 119.60 -13.92 1.50 N 
12 1 "O4'" A DT 6  ? ? "C1'" A DT 6  ? ? N1    A DT 6  ? ? 113.16 108.30 4.86   0.30 N 
13 1 "O4'" A DC 7  ? ? "C1'" A DC 7  ? ? N1    A DC 7  ? ? 115.45 108.30 7.15   0.30 N 
14 1 "O4'" A DC 8  ? ? "C1'" A DC 8  ? ? N1    A DC 8  ? ? 114.96 108.30 6.66   0.30 N 
15 1 "C4'" B DG 9  ? ? "C3'" B DG 9  ? ? "C2'" B DG 9  ? ? 95.72  102.20 -6.48  0.70 N 
16 1 "O4'" B DG 9  ? ? "C1'" B DG 9  ? ? N9    B DG 9  ? ? 111.73 108.30 3.43   0.30 N 
17 1 "O4'" B DG 10 ? ? "C1'" B DG 10 ? ? N9    B DG 10 ? ? 110.54 108.30 2.24   0.30 N 
18 1 "O5'" B DG 11 ? ? "C5'" B DG 11 ? ? "C4'" B DG 11 ? ? 102.72 109.40 -6.68  0.80 N 
19 1 "C4'" B DG 11 ? ? "C3'" B DG 11 ? ? "C2'" B DG 11 ? ? 97.83  102.20 -4.37  0.70 N 
20 1 "O4'" B DG 11 ? ? "C1'" B DG 11 ? ? N9    B DG 11 ? ? 111.88 108.30 3.58   0.30 N 
21 1 "C3'" B DG 11 ? ? "O3'" B DG 11 ? ? P     B DG 12 ? ? 128.24 119.70 8.54   1.20 Y 
22 1 "O4'" B DG 12 ? ? "C1'" B DG 12 ? ? N9    B DG 12 ? ? 111.42 108.30 3.12   0.30 N 
23 1 "O4'" B DC 13 ? ? "C1'" B DC 13 ? ? N1    B DC 13 ? ? 113.24 108.30 4.94   0.30 N 
24 1 "O4'" B DT 14 ? ? "C1'" B DT 14 ? ? N1    B DT 14 ? ? 113.54 108.30 5.24   0.30 N 
25 1 N1    B DT 14 ? ? C2    B DT 14 ? ? O2    B DT 14 ? ? 128.33 123.10 5.23   0.80 N 
26 1 N3    B DT 14 ? ? C2    B DT 14 ? ? O2    B DT 14 ? ? 115.47 122.30 -6.83  0.60 N 
27 1 "C3'" B DC 15 ? ? "C2'" B DC 15 ? ? "C1'" B DC 15 ? ? 95.78  102.40 -6.62  0.80 N 
28 1 "O4'" B DC 15 ? ? "C1'" B DC 15 ? ? N1    B DC 15 ? ? 115.05 108.30 6.75   0.30 N 
29 1 "C3'" B DC 15 ? ? "O3'" B DC 15 ? ? P     B DC 16 ? ? 129.07 119.70 9.37   1.20 Y 
30 1 "O4'" B DC 16 ? ? "C1'" B DC 16 ? ? N1    B DC 16 ? ? 113.48 108.30 5.18   0.30 N 
# 
loop_
_refine_B_iso.class 
_refine_B_iso.details 
_refine_B_iso.treatment 
_refine_B_iso.pdbx_refine_id 
'ALL ATOMS'  TR isotropic 'X-RAY DIFFRACTION' 
'ALL WATERS' TR isotropic 'X-RAY DIFFRACTION' 
# 
loop_
_refine_occupancy.class 
_refine_occupancy.treatment 
_refine_occupancy.pdbx_refine_id 
'ALL ATOMS'  fix 'X-RAY DIFFRACTION' 
'ALL WATERS' fix 'X-RAY DIFFRACTION' 
# 
loop_
_chem_comp_atom.comp_id 
_chem_comp_atom.atom_id 
_chem_comp_atom.type_symbol 
_chem_comp_atom.pdbx_aromatic_flag 
_chem_comp_atom.pdbx_stereo_config 
_chem_comp_atom.pdbx_ordinal 
DC  OP3    O N N 1   
DC  P      P N N 2   
DC  OP1    O N N 3   
DC  OP2    O N N 4   
DC  "O5'"  O N N 5   
DC  "C5'"  C N N 6   
DC  "C4'"  C N R 7   
DC  "O4'"  O N N 8   
DC  "C3'"  C N S 9   
DC  "O3'"  O N N 10  
DC  "C2'"  C N N 11  
DC  "C1'"  C N R 12  
DC  N1     N N N 13  
DC  C2     C N N 14  
DC  O2     O N N 15  
DC  N3     N N N 16  
DC  C4     C N N 17  
DC  N4     N N N 18  
DC  C5     C N N 19  
DC  C6     C N N 20  
DC  HOP3   H N N 21  
DC  HOP2   H N N 22  
DC  "H5'"  H N N 23  
DC  "H5''" H N N 24  
DC  "H4'"  H N N 25  
DC  "H3'"  H N N 26  
DC  "HO3'" H N N 27  
DC  "H2'"  H N N 28  
DC  "H2''" H N N 29  
DC  "H1'"  H N N 30  
DC  H41    H N N 31  
DC  H42    H N N 32  
DC  H5     H N N 33  
DC  H6     H N N 34  
DG  OP3    O N N 35  
DG  P      P N N 36  
DG  OP1    O N N 37  
DG  OP2    O N N 38  
DG  "O5'"  O N N 39  
DG  "C5'"  C N N 40  
DG  "C4'"  C N R 41  
DG  "O4'"  O N N 42  
DG  "C3'"  C N S 43  
DG  "O3'"  O N N 44  
DG  "C2'"  C N N 45  
DG  "C1'"  C N R 46  
DG  N9     N Y N 47  
DG  C8     C Y N 48  
DG  N7     N Y N 49  
DG  C5     C Y N 50  
DG  C6     C N N 51  
DG  O6     O N N 52  
DG  N1     N N N 53  
DG  C2     C N N 54  
DG  N2     N N N 55  
DG  N3     N N N 56  
DG  C4     C Y N 57  
DG  HOP3   H N N 58  
DG  HOP2   H N N 59  
DG  "H5'"  H N N 60  
DG  "H5''" H N N 61  
DG  "H4'"  H N N 62  
DG  "H3'"  H N N 63  
DG  "HO3'" H N N 64  
DG  "H2'"  H N N 65  
DG  "H2''" H N N 66  
DG  "H1'"  H N N 67  
DG  H8     H N N 68  
DG  H1     H N N 69  
DG  H21    H N N 70  
DG  H22    H N N 71  
DT  OP3    O N N 72  
DT  P      P N N 73  
DT  OP1    O N N 74  
DT  OP2    O N N 75  
DT  "O5'"  O N N 76  
DT  "C5'"  C N N 77  
DT  "C4'"  C N R 78  
DT  "O4'"  O N N 79  
DT  "C3'"  C N S 80  
DT  "O3'"  O N N 81  
DT  "C2'"  C N N 82  
DT  "C1'"  C N R 83  
DT  N1     N N N 84  
DT  C2     C N N 85  
DT  O2     O N N 86  
DT  N3     N N N 87  
DT  C4     C N N 88  
DT  O4     O N N 89  
DT  C5     C N N 90  
DT  C7     C N N 91  
DT  C6     C N N 92  
DT  HOP3   H N N 93  
DT  HOP2   H N N 94  
DT  "H5'"  H N N 95  
DT  "H5''" H N N 96  
DT  "H4'"  H N N 97  
DT  "H3'"  H N N 98  
DT  "HO3'" H N N 99  
DT  "H2'"  H N N 100 
DT  "H2''" H N N 101 
DT  "H1'"  H N N 102 
DT  H3     H N N 103 
DT  H71    H N N 104 
DT  H72    H N N 105 
DT  H73    H N N 106 
DT  H6     H N N 107 
HOH O      O N N 108 
HOH H1     H N N 109 
HOH H2     H N N 110 
# 
loop_
_chem_comp_bond.comp_id 
_chem_comp_bond.atom_id_1 
_chem_comp_bond.atom_id_2 
_chem_comp_bond.value_order 
_chem_comp_bond.pdbx_aromatic_flag 
_chem_comp_bond.pdbx_stereo_config 
_chem_comp_bond.pdbx_ordinal 
DC  OP3   P      sing N N 1   
DC  OP3   HOP3   sing N N 2   
DC  P     OP1    doub N N 3   
DC  P     OP2    sing N N 4   
DC  P     "O5'"  sing N N 5   
DC  OP2   HOP2   sing N N 6   
DC  "O5'" "C5'"  sing N N 7   
DC  "C5'" "C4'"  sing N N 8   
DC  "C5'" "H5'"  sing N N 9   
DC  "C5'" "H5''" sing N N 10  
DC  "C4'" "O4'"  sing N N 11  
DC  "C4'" "C3'"  sing N N 12  
DC  "C4'" "H4'"  sing N N 13  
DC  "O4'" "C1'"  sing N N 14  
DC  "C3'" "O3'"  sing N N 15  
DC  "C3'" "C2'"  sing N N 16  
DC  "C3'" "H3'"  sing N N 17  
DC  "O3'" "HO3'" sing N N 18  
DC  "C2'" "C1'"  sing N N 19  
DC  "C2'" "H2'"  sing N N 20  
DC  "C2'" "H2''" sing N N 21  
DC  "C1'" N1     sing N N 22  
DC  "C1'" "H1'"  sing N N 23  
DC  N1    C2     sing N N 24  
DC  N1    C6     sing N N 25  
DC  C2    O2     doub N N 26  
DC  C2    N3     sing N N 27  
DC  N3    C4     doub N N 28  
DC  C4    N4     sing N N 29  
DC  C4    C5     sing N N 30  
DC  N4    H41    sing N N 31  
DC  N4    H42    sing N N 32  
DC  C5    C6     doub N N 33  
DC  C5    H5     sing N N 34  
DC  C6    H6     sing N N 35  
DG  OP3   P      sing N N 36  
DG  OP3   HOP3   sing N N 37  
DG  P     OP1    doub N N 38  
DG  P     OP2    sing N N 39  
DG  P     "O5'"  sing N N 40  
DG  OP2   HOP2   sing N N 41  
DG  "O5'" "C5'"  sing N N 42  
DG  "C5'" "C4'"  sing N N 43  
DG  "C5'" "H5'"  sing N N 44  
DG  "C5'" "H5''" sing N N 45  
DG  "C4'" "O4'"  sing N N 46  
DG  "C4'" "C3'"  sing N N 47  
DG  "C4'" "H4'"  sing N N 48  
DG  "O4'" "C1'"  sing N N 49  
DG  "C3'" "O3'"  sing N N 50  
DG  "C3'" "C2'"  sing N N 51  
DG  "C3'" "H3'"  sing N N 52  
DG  "O3'" "HO3'" sing N N 53  
DG  "C2'" "C1'"  sing N N 54  
DG  "C2'" "H2'"  sing N N 55  
DG  "C2'" "H2''" sing N N 56  
DG  "C1'" N9     sing N N 57  
DG  "C1'" "H1'"  sing N N 58  
DG  N9    C8     sing Y N 59  
DG  N9    C4     sing Y N 60  
DG  C8    N7     doub Y N 61  
DG  C8    H8     sing N N 62  
DG  N7    C5     sing Y N 63  
DG  C5    C6     sing N N 64  
DG  C5    C4     doub Y N 65  
DG  C6    O6     doub N N 66  
DG  C6    N1     sing N N 67  
DG  N1    C2     sing N N 68  
DG  N1    H1     sing N N 69  
DG  C2    N2     sing N N 70  
DG  C2    N3     doub N N 71  
DG  N2    H21    sing N N 72  
DG  N2    H22    sing N N 73  
DG  N3    C4     sing N N 74  
DT  OP3   P      sing N N 75  
DT  OP3   HOP3   sing N N 76  
DT  P     OP1    doub N N 77  
DT  P     OP2    sing N N 78  
DT  P     "O5'"  sing N N 79  
DT  OP2   HOP2   sing N N 80  
DT  "O5'" "C5'"  sing N N 81  
DT  "C5'" "C4'"  sing N N 82  
DT  "C5'" "H5'"  sing N N 83  
DT  "C5'" "H5''" sing N N 84  
DT  "C4'" "O4'"  sing N N 85  
DT  "C4'" "C3'"  sing N N 86  
DT  "C4'" "H4'"  sing N N 87  
DT  "O4'" "C1'"  sing N N 88  
DT  "C3'" "O3'"  sing N N 89  
DT  "C3'" "C2'"  sing N N 90  
DT  "C3'" "H3'"  sing N N 91  
DT  "O3'" "HO3'" sing N N 92  
DT  "C2'" "C1'"  sing N N 93  
DT  "C2'" "H2'"  sing N N 94  
DT  "C2'" "H2''" sing N N 95  
DT  "C1'" N1     sing N N 96  
DT  "C1'" "H1'"  sing N N 97  
DT  N1    C2     sing N N 98  
DT  N1    C6     sing N N 99  
DT  C2    O2     doub N N 100 
DT  C2    N3     sing N N 101 
DT  N3    C4     sing N N 102 
DT  N3    H3     sing N N 103 
DT  C4    O4     doub N N 104 
DT  C4    C5     sing N N 105 
DT  C5    C7     sing N N 106 
DT  C5    C6     doub N N 107 
DT  C7    H71    sing N N 108 
DT  C7    H72    sing N N 109 
DT  C7    H73    sing N N 110 
DT  C6    H6     sing N N 111 
HOH O     H1     sing N N 112 
HOH O     H2     sing N N 113 
# 
loop_
_ndb_struct_conf_na.entry_id 
_ndb_struct_conf_na.feature 
1D92 'a-form double helix'  
1D92 'mismatched base pair' 
# 
loop_
_ndb_struct_na_base_pair.model_number 
_ndb_struct_na_base_pair.i_label_asym_id 
_ndb_struct_na_base_pair.i_label_comp_id 
_ndb_struct_na_base_pair.i_label_seq_id 
_ndb_struct_na_base_pair.i_symmetry 
_ndb_struct_na_base_pair.j_label_asym_id 
_ndb_struct_na_base_pair.j_label_comp_id 
_ndb_struct_na_base_pair.j_label_seq_id 
_ndb_struct_na_base_pair.j_symmetry 
_ndb_struct_na_base_pair.shear 
_ndb_struct_na_base_pair.stretch 
_ndb_struct_na_base_pair.stagger 
_ndb_struct_na_base_pair.buckle 
_ndb_struct_na_base_pair.propeller 
_ndb_struct_na_base_pair.opening 
_ndb_struct_na_base_pair.pair_number 
_ndb_struct_na_base_pair.pair_name 
_ndb_struct_na_base_pair.i_auth_asym_id 
_ndb_struct_na_base_pair.i_auth_seq_id 
_ndb_struct_na_base_pair.i_PDB_ins_code 
_ndb_struct_na_base_pair.j_auth_asym_id 
_ndb_struct_na_base_pair.j_auth_seq_id 
_ndb_struct_na_base_pair.j_PDB_ins_code 
_ndb_struct_na_base_pair.hbond_type_28 
_ndb_struct_na_base_pair.hbond_type_12 
1 A DG 1 1_555 B DC 8 1_555 -0.546 -0.023 -0.206 -11.458 1.987   -3.331 1 A_DG1:DC16_B A 1 ? B 16 ? 19 1 
1 A DG 2 1_555 B DC 7 1_555 -0.158 -0.083 -0.319 -12.300 -6.217  1.506  2 A_DG2:DC15_B A 2 ? B 15 ? 19 1 
1 A DG 3 1_555 B DT 6 1_555 -2.581 -0.727 -0.272 -9.140  -9.231  -5.224 3 A_DG3:DT14_B A 3 ? B 14 ? 28 ? 
1 A DG 4 1_555 B DC 5 1_555 -0.124 -0.186 -0.052 -7.361  -3.208  -3.252 4 A_DG4:DC13_B A 4 ? B 13 ? 19 1 
1 A DC 5 1_555 B DG 4 1_555 0.188  -0.200 0.341  -2.808  -16.414 -4.488 5 A_DC5:DG12_B A 5 ? B 12 ? 19 1 
1 A DT 6 1_555 B DG 3 1_555 2.138  -0.508 0.170  0.949   -14.018 1.972  6 A_DT6:DG11_B A 6 ? B 11 ? 28 1 
1 A DC 7 1_555 B DG 2 1_555 0.656  -0.354 -0.203 15.218  -13.015 -2.294 7 A_DC7:DG10_B A 7 ? B 10 ? 19 1 
1 A DC 8 1_555 B DG 1 1_555 0.501  -0.325 -0.352 15.515  -7.443  -1.211 8 A_DC8:DG9_B  A 8 ? B 9  ? 19 1 
# 
loop_
_ndb_struct_na_base_pair_step.model_number 
_ndb_struct_na_base_pair_step.i_label_asym_id_1 
_ndb_struct_na_base_pair_step.i_label_comp_id_1 
_ndb_struct_na_base_pair_step.i_label_seq_id_1 
_ndb_struct_na_base_pair_step.i_symmetry_1 
_ndb_struct_na_base_pair_step.j_label_asym_id_1 
_ndb_struct_na_base_pair_step.j_label_comp_id_1 
_ndb_struct_na_base_pair_step.j_label_seq_id_1 
_ndb_struct_na_base_pair_step.j_symmetry_1 
_ndb_struct_na_base_pair_step.i_label_asym_id_2 
_ndb_struct_na_base_pair_step.i_label_comp_id_2 
_ndb_struct_na_base_pair_step.i_label_seq_id_2 
_ndb_struct_na_base_pair_step.i_symmetry_2 
_ndb_struct_na_base_pair_step.j_label_asym_id_2 
_ndb_struct_na_base_pair_step.j_label_comp_id_2 
_ndb_struct_na_base_pair_step.j_label_seq_id_2 
_ndb_struct_na_base_pair_step.j_symmetry_2 
_ndb_struct_na_base_pair_step.shift 
_ndb_struct_na_base_pair_step.slide 
_ndb_struct_na_base_pair_step.rise 
_ndb_struct_na_base_pair_step.tilt 
_ndb_struct_na_base_pair_step.roll 
_ndb_struct_na_base_pair_step.twist 
_ndb_struct_na_base_pair_step.x_displacement 
_ndb_struct_na_base_pair_step.y_displacement 
_ndb_struct_na_base_pair_step.helical_rise 
_ndb_struct_na_base_pair_step.inclination 
_ndb_struct_na_base_pair_step.tip 
_ndb_struct_na_base_pair_step.helical_twist 
_ndb_struct_na_base_pair_step.step_number 
_ndb_struct_na_base_pair_step.step_name 
_ndb_struct_na_base_pair_step.i_auth_asym_id_1 
_ndb_struct_na_base_pair_step.i_auth_seq_id_1 
_ndb_struct_na_base_pair_step.i_PDB_ins_code_1 
_ndb_struct_na_base_pair_step.j_auth_asym_id_1 
_ndb_struct_na_base_pair_step.j_auth_seq_id_1 
_ndb_struct_na_base_pair_step.j_PDB_ins_code_1 
_ndb_struct_na_base_pair_step.i_auth_asym_id_2 
_ndb_struct_na_base_pair_step.i_auth_seq_id_2 
_ndb_struct_na_base_pair_step.i_PDB_ins_code_2 
_ndb_struct_na_base_pair_step.j_auth_asym_id_2 
_ndb_struct_na_base_pair_step.j_auth_seq_id_2 
_ndb_struct_na_base_pair_step.j_PDB_ins_code_2 
1 A DG 1 1_555 B DC 8 1_555 A DG 2 1_555 B DC 7 1_555 0.448  -2.153 3.268 1.303  13.636 31.333 -5.553 -0.583 2.186 23.871 -2.281  
34.127 1 AA_DG1DG2:DC15DC16_BB A 1 ? B 16 ? A 2 ? B 15 ? 
1 A DG 2 1_555 B DC 7 1_555 A DG 3 1_555 B DT 6 1_555 0.109  -2.078 3.312 -1.986 2.854  20.152 -7.086 -1.162 2.967 8.079  5.622   
20.447 2 AA_DG2DG3:DT14DC15_BB A 2 ? B 15 ? A 3 ? B 14 ? 
1 A DG 3 1_555 B DT 6 1_555 A DG 4 1_555 B DC 5 1_555 -0.665 -1.402 3.314 -6.242 3.581  42.408 -2.272 0.283  3.252 4.908  8.555   
42.987 3 AA_DG3DG4:DC13DT14_BB A 3 ? B 14 ? A 4 ? B 13 ? 
1 A DG 4 1_555 B DC 5 1_555 A DC 5 1_555 B DG 4 1_555 -0.722 -1.257 3.322 -4.098 5.271  30.343 -3.359 0.564  3.132 9.920  7.712   
31.052 4 AA_DG4DC5:DG12DC13_BB A 4 ? B 13 ? A 5 ? B 12 ? 
1 A DC 5 1_555 B DG 4 1_555 A DT 6 1_555 B DG 3 1_555 0.743  -1.376 3.217 2.949  1.040  43.595 -1.947 -0.720 3.226 1.399  -3.965  
43.702 5 AA_DC5DT6:DG11DG12_BB A 5 ? B 12 ? A 6 ? B 11 ? 
1 A DT 6 1_555 B DG 3 1_555 A DC 7 1_555 B DG 2 1_555 -0.235 -1.770 2.774 5.145  6.918  21.574 -6.211 1.933  2.008 17.602 -13.092 
23.214 6 AA_DT6DC7:DG10DG11_BB A 6 ? B 11 ? A 7 ? B 10 ? 
1 A DC 7 1_555 B DG 2 1_555 A DC 8 1_555 B DG 1 1_555 0.145  -1.594 3.420 1.042  8.550  32.411 -4.153 -0.083 2.920 14.990 -1.828  
33.507 7 AA_DC7DC8:DG9DG10_BB  A 7 ? B 10 ? A 8 ? B 9  ? 
# 
_atom_sites.entry_id                    1D92 
_atom_sites.fract_transf_matrix[1][1]   0.00801056 
_atom_sites.fract_transf_matrix[1][2]   0.02359742 
_atom_sites.fract_transf_matrix[1][3]   0.00562260 
_atom_sites.fract_transf_matrix[2][1]   -0.01509867 
_atom_sites.fract_transf_matrix[2][2]   0.02006820 
_atom_sites.fract_transf_matrix[2][3]   -0.00467930 
_atom_sites.fract_transf_matrix[3][1]   -0.00919280 
_atom_sites.fract_transf_matrix[3][2]   -0.00195216 
_atom_sites.fract_transf_matrix[3][3]   0.02129008 
_atom_sites.fract_transf_vector[1]      0.946588 
_atom_sites.fract_transf_vector[2]      0.431835 
_atom_sites.fract_transf_vector[3]      0.029910 
# 
loop_
_atom_type.symbol 
C 
N 
O 
P 
# 
loop_
_atom_site.group_PDB 
_atom_site.id 
_atom_site.type_symbol 
_atom_site.label_atom_id 
_atom_site.label_alt_id 
_atom_site.label_comp_id 
_atom_site.label_asym_id 
_atom_site.label_entity_id 
_atom_site.label_seq_id 
_atom_site.pdbx_PDB_ins_code 
_atom_site.Cartn_x 
_atom_site.Cartn_y 
_atom_site.Cartn_z 
_atom_site.occupancy 
_atom_site.B_iso_or_equiv 
_atom_site.pdbx_formal_charge 
_atom_site.auth_seq_id 
_atom_site.auth_comp_id 
_atom_site.auth_asym_id 
_atom_site.auth_atom_id 
_atom_site.pdbx_PDB_model_num 
ATOM   1   O "O5'" . DG  A 1 1 ? -1.785  -1.981  -15.589 1.00 50.18 ? 1  DG  A "O5'" 1 
ATOM   2   C "C5'" . DG  A 1 1 ? -1.408  -1.033  -14.536 1.00 45.85 ? 1  DG  A "C5'" 1 
ATOM   3   C "C4'" . DG  A 1 1 ? -0.136  -0.357  -14.972 1.00 44.56 ? 1  DG  A "C4'" 1 
ATOM   4   O "O4'" . DG  A 1 1 ? -0.388  0.960   -15.500 1.00 43.65 ? 1  DG  A "O4'" 1 
ATOM   5   C "C3'" . DG  A 1 1 ? 0.867   -0.166  -13.841 1.00 43.13 ? 1  DG  A "C3'" 1 
ATOM   6   O "O3'" . DG  A 1 1 ? 1.699   -1.297  -13.730 1.00 45.56 ? 1  DG  A "O3'" 1 
ATOM   7   C "C2'" . DG  A 1 1 ? 1.585   1.103   -14.265 1.00 40.85 ? 1  DG  A "C2'" 1 
ATOM   8   C "C1'" . DG  A 1 1 ? 0.375   1.902   -14.737 1.00 40.09 ? 1  DG  A "C1'" 1 
ATOM   9   N N9    . DG  A 1 1 ? -0.431  2.487   -13.646 1.00 38.60 ? 1  DG  A N9    1 
ATOM   10  C C8    . DG  A 1 1 ? -1.698  2.191   -13.196 1.00 37.29 ? 1  DG  A C8    1 
ATOM   11  N N7    . DG  A 1 1 ? -2.054  2.901   -12.185 1.00 38.07 ? 1  DG  A N7    1 
ATOM   12  C C5    . DG  A 1 1 ? -0.977  3.716   -11.909 1.00 35.39 ? 1  DG  A C5    1 
ATOM   13  C C6    . DG  A 1 1 ? -0.816  4.722   -10.953 1.00 36.01 ? 1  DG  A C6    1 
ATOM   14  O O6    . DG  A 1 1 ? -1.695  5.103   -10.161 1.00 35.84 ? 1  DG  A O6    1 
ATOM   15  N N1    . DG  A 1 1 ? 0.467   5.278   -11.025 1.00 36.67 ? 1  DG  A N1    1 
ATOM   16  C C2    . DG  A 1 1 ? 1.415   4.971   -11.940 1.00 35.97 ? 1  DG  A C2    1 
ATOM   17  N N2    . DG  A 1 1 ? 2.602   5.603   -11.943 1.00 36.44 ? 1  DG  A N2    1 
ATOM   18  N N3    . DG  A 1 1 ? 1.271   4.026   -12.854 1.00 36.23 ? 1  DG  A N3    1 
ATOM   19  C C4    . DG  A 1 1 ? 0.041   3.465   -12.784 1.00 36.94 ? 1  DG  A C4    1 
ATOM   20  P P     . DG  A 1 2 ? 2.247   -1.709  -12.264 1.00 46.75 ? 2  DG  A P     1 
ATOM   21  O OP1   . DG  A 1 2 ? 3.183   -2.886  -12.466 1.00 48.75 ? 2  DG  A OP1   1 
ATOM   22  O OP2   . DG  A 1 2 ? 0.993   -1.917  -11.457 1.00 49.91 ? 2  DG  A OP2   1 
ATOM   23  O "O5'" . DG  A 1 2 ? 3.102   -0.429  -11.777 1.00 43.54 ? 2  DG  A "O5'" 1 
ATOM   24  C "C5'" . DG  A 1 2 ? 4.448   -0.165  -12.276 1.00 38.44 ? 2  DG  A "C5'" 1 
ATOM   25  C "C4'" . DG  A 1 2 ? 4.983   1.020   -11.504 1.00 36.30 ? 2  DG  A "C4'" 1 
ATOM   26  O "O4'" . DG  A 1 2 ? 4.090   2.100   -11.509 1.00 36.11 ? 2  DG  A "O4'" 1 
ATOM   27  C "C3'" . DG  A 1 2 ? 5.179   0.752   -10.015 1.00 36.81 ? 2  DG  A "C3'" 1 
ATOM   28  O "O3'" . DG  A 1 2 ? 6.476   0.132   -9.888  1.00 38.52 ? 2  DG  A "O3'" 1 
ATOM   29  C "C2'" . DG  A 1 2 ? 5.050   2.104   -9.374  1.00 34.52 ? 2  DG  A "C2'" 1 
ATOM   30  C "C1'" . DG  A 1 2 ? 4.093   2.816   -10.286 1.00 33.24 ? 2  DG  A "C1'" 1 
ATOM   31  N N9    . DG  A 1 2 ? 2.759   2.862   -9.697  1.00 31.89 ? 2  DG  A N9    1 
ATOM   32  C C8    . DG  A 1 2 ? 1.615   2.162   -9.969  1.00 34.03 ? 2  DG  A C8    1 
ATOM   33  N N7    . DG  A 1 2 ? 0.597   2.519   -9.235  1.00 34.01 ? 2  DG  A N7    1 
ATOM   34  C C5    . DG  A 1 2 ? 1.108   3.515   -8.411  1.00 33.76 ? 2  DG  A C5    1 
ATOM   35  C C6    . DG  A 1 2 ? 0.495   4.260   -7.381  1.00 33.19 ? 2  DG  A C6    1 
ATOM   36  O O6    . DG  A 1 2 ? -0.626  4.126   -6.905  1.00 34.33 ? 2  DG  A O6    1 
ATOM   37  N N1    . DG  A 1 2 ? 1.356   5.194   -6.797  1.00 33.51 ? 2  DG  A N1    1 
ATOM   38  C C2    . DG  A 1 2 ? 2.683   5.311   -7.133  1.00 33.11 ? 2  DG  A C2    1 
ATOM   39  N N2    . DG  A 1 2 ? 3.429   6.230   -6.521  1.00 32.68 ? 2  DG  A N2    1 
ATOM   40  N N3    . DG  A 1 2 ? 3.266   4.604   -8.093  1.00 34.81 ? 2  DG  A N3    1 
ATOM   41  C C4    . DG  A 1 2 ? 2.419   3.749   -8.705  1.00 33.57 ? 2  DG  A C4    1 
ATOM   42  P P     . DG  A 1 3 ? 6.795   -0.626  -8.509  1.00 42.47 ? 3  DG  A P     1 
ATOM   43  O OP1   . DG  A 1 3 ? 8.242   -1.015  -8.564  1.00 41.03 ? 3  DG  A OP1   1 
ATOM   44  O OP2   . DG  A 1 3 ? 5.731   -1.705  -8.354  1.00 40.62 ? 3  DG  A OP2   1 
ATOM   45  O "O5'" . DG  A 1 3 ? 6.484   0.485   -7.396  1.00 38.42 ? 3  DG  A "O5'" 1 
ATOM   46  C "C5'" . DG  A 1 3 ? 7.416   0.909   -6.517  1.00 34.49 ? 3  DG  A "C5'" 1 
ATOM   47  C "C4'" . DG  A 1 3 ? 7.197   2.147   -5.818  1.00 30.95 ? 3  DG  A "C4'" 1 
ATOM   48  O "O4'" . DG  A 1 3 ? 6.123   2.923   -6.313  1.00 29.77 ? 3  DG  A "O4'" 1 
ATOM   49  C "C3'" . DG  A 1 3 ? 6.947   2.052   -4.333  1.00 28.62 ? 3  DG  A "C3'" 1 
ATOM   50  O "O3'" . DG  A 1 3 ? 8.204   1.736   -3.762  1.00 29.00 ? 3  DG  A "O3'" 1 
ATOM   51  C "C2'" . DG  A 1 3 ? 6.689   3.539   -4.049  1.00 27.34 ? 3  DG  A "C2'" 1 
ATOM   52  C "C1'" . DG  A 1 3 ? 5.718   3.761   -5.219  1.00 24.92 ? 3  DG  A "C1'" 1 
ATOM   53  N N9    . DG  A 1 3 ? 4.308   3.488   -4.875  1.00 22.98 ? 3  DG  A N9    1 
ATOM   54  C C8    . DG  A 1 3 ? 3.395   2.618   -5.402  1.00 23.73 ? 3  DG  A C8    1 
ATOM   55  N N7    . DG  A 1 3 ? 2.233   2.689   -4.877  1.00 24.71 ? 3  DG  A N7    1 
ATOM   56  C C5    . DG  A 1 3 ? 2.346   3.713   -3.945  1.00 24.95 ? 3  DG  A C5    1 
ATOM   57  C C6    . DG  A 1 3 ? 1.381   4.228   -3.028  1.00 23.33 ? 3  DG  A C6    1 
ATOM   58  O O6    . DG  A 1 3 ? 0.199   3.803   -2.958  1.00 25.24 ? 3  DG  A O6    1 
ATOM   59  N N1    . DG  A 1 3 ? 1.922   5.235   -2.265  1.00 23.38 ? 3  DG  A N1    1 
ATOM   60  C C2    . DG  A 1 3 ? 3.232   5.676   -2.317  1.00 23.43 ? 3  DG  A C2    1 
ATOM   61  N N2    . DG  A 1 3 ? 3.604   6.699   -1.522  1.00 24.26 ? 3  DG  A N2    1 
ATOM   62  N N3    . DG  A 1 3 ? 4.145   5.184   -3.119  1.00 22.65 ? 3  DG  A N3    1 
ATOM   63  C C4    . DG  A 1 3 ? 3.607   4.213   -3.928  1.00 23.96 ? 3  DG  A C4    1 
ATOM   64  P P     . DG  A 1 4 ? 8.288   1.076   -2.288  1.00 30.45 ? 4  DG  A P     1 
ATOM   65  O OP1   . DG  A 1 4 ? 9.698   0.730   -1.993  1.00 32.13 ? 4  DG  A OP1   1 
ATOM   66  O OP2   . DG  A 1 4 ? 7.315   -0.099  -2.323  1.00 32.11 ? 4  DG  A OP2   1 
ATOM   67  O "O5'" . DG  A 1 4 ? 7.780   2.247   -1.287  1.00 31.04 ? 4  DG  A "O5'" 1 
ATOM   68  C "C5'" . DG  A 1 4 ? 8.586   3.217   -0.691  1.00 27.83 ? 4  DG  A "C5'" 1 
ATOM   69  C "C4'" . DG  A 1 4 ? 7.792   4.124   0.205   1.00 29.74 ? 4  DG  A "C4'" 1 
ATOM   70  O "O4'" . DG  A 1 4 ? 6.629   4.714   -0.435  1.00 27.00 ? 4  DG  A "O4'" 1 
ATOM   71  C "C3'" . DG  A 1 4 ? 7.257   3.427   1.442   1.00 28.57 ? 4  DG  A "C3'" 1 
ATOM   72  O "O3'" . DG  A 1 4 ? 8.371   3.331   2.374   1.00 28.72 ? 4  DG  A "O3'" 1 
ATOM   73  C "C2'" . DG  A 1 4 ? 6.090   4.265   1.902   1.00 26.21 ? 4  DG  A "C2'" 1 
ATOM   74  C "C1'" . DG  A 1 4 ? 5.551   4.638   0.534   1.00 24.58 ? 4  DG  A "C1'" 1 
ATOM   75  N N9    . DG  A 1 4 ? 4.537   3.717   0.030   1.00 21.89 ? 4  DG  A N9    1 
ATOM   76  C C8    . DG  A 1 4 ? 4.508   2.820   -1.008  1.00 22.91 ? 4  DG  A C8    1 
ATOM   77  N N7    . DG  A 1 4 ? 3.357   2.271   -1.189  1.00 23.44 ? 4  DG  A N7    1 
ATOM   78  C C5    . DG  A 1 4 ? 2.546   2.796   -0.209  1.00 23.72 ? 4  DG  A C5    1 
ATOM   79  C C6    . DG  A 1 4 ? 1.179   2.552   0.099   1.00 22.61 ? 4  DG  A C6    1 
ATOM   80  O O6    . DG  A 1 4 ? 0.439   1.757   -0.496  1.00 19.93 ? 4  DG  A O6    1 
ATOM   81  N N1    . DG  A 1 4 ? 0.728   3.309   1.190   1.00 21.69 ? 4  DG  A N1    1 
ATOM   82  C C2    . DG  A 1 4 ? 1.512   4.208   1.851   1.00 24.13 ? 4  DG  A C2    1 
ATOM   83  N N2    . DG  A 1 4 ? 0.997   4.880   2.892   1.00 24.67 ? 4  DG  A N2    1 
ATOM   84  N N3    . DG  A 1 4 ? 2.815   4.433   1.607   1.00 24.62 ? 4  DG  A N3    1 
ATOM   85  C C4    . DG  A 1 4 ? 3.250   3.705   0.540   1.00 23.24 ? 4  DG  A C4    1 
ATOM   86  P P     . DC  A 1 5 ? 8.403   1.953   3.257   1.00 25.02 ? 5  DC  A P     1 
ATOM   87  O OP1   . DC  A 1 5 ? 9.780   1.880   3.826   1.00 28.68 ? 5  DC  A OP1   1 
ATOM   88  O OP2   . DC  A 1 5 ? 7.939   0.758   2.497   1.00 22.29 ? 5  DC  A OP2   1 
ATOM   89  O "O5'" . DC  A 1 5 ? 7.339   2.333   4.458   1.00 26.25 ? 5  DC  A "O5'" 1 
ATOM   90  C "C5'" . DC  A 1 5 ? 7.681   3.377   5.458   1.00 26.04 ? 5  DC  A "C5'" 1 
ATOM   91  C "C4'" . DC  A 1 5 ? 6.372   3.749   6.171   1.00 28.67 ? 5  DC  A "C4'" 1 
ATOM   92  O "O4'" . DC  A 1 5 ? 5.361   4.119   5.205   1.00 28.19 ? 5  DC  A "O4'" 1 
ATOM   93  C "C3'" . DC  A 1 5 ? 5.745   2.603   6.951   1.00 28.41 ? 5  DC  A "C3'" 1 
ATOM   94  O "O3'" . DC  A 1 5 ? 6.449   2.427   8.160   1.00 29.95 ? 5  DC  A "O3'" 1 
ATOM   95  C "C2'" . DC  A 1 5 ? 4.284   2.974   6.975   1.00 27.25 ? 5  DC  A "C2'" 1 
ATOM   96  C "C1'" . DC  A 1 5 ? 4.088   3.537   5.533   1.00 28.46 ? 5  DC  A "C1'" 1 
ATOM   97  N N1    . DC  A 1 5 ? 3.581   2.563   4.576   1.00 27.04 ? 5  DC  A N1    1 
ATOM   98  C C2    . DC  A 1 5 ? 2.211   2.193   4.720   1.00 29.36 ? 5  DC  A C2    1 
ATOM   99  O O2    . DC  A 1 5 ? 1.558   2.741   5.649   1.00 30.84 ? 5  DC  A O2    1 
ATOM   100 N N3    . DC  A 1 5 ? 1.682   1.232   3.925   1.00 27.70 ? 5  DC  A N3    1 
ATOM   101 C C4    . DC  A 1 5 ? 2.450   0.680   2.994   1.00 27.33 ? 5  DC  A C4    1 
ATOM   102 N N4    . DC  A 1 5 ? 1.903   -0.202  2.193   1.00 24.02 ? 5  DC  A N4    1 
ATOM   103 C C5    . DC  A 1 5 ? 3.846   1.016   2.834   1.00 28.48 ? 5  DC  A C5    1 
ATOM   104 C C6    . DC  A 1 5 ? 4.348   1.927   3.627   1.00 26.86 ? 5  DC  A C6    1 
ATOM   105 P P     . DT  A 1 6 ? 6.486   0.965   8.887   1.00 32.99 ? 6  DT  A P     1 
ATOM   106 O OP1   . DT  A 1 6 ? 7.143   1.255   10.254  1.00 34.93 ? 6  DT  A OP1   1 
ATOM   107 O OP2   . DT  A 1 6 ? 7.342   -0.086  8.240   1.00 32.02 ? 6  DT  A OP2   1 
ATOM   108 O "O5'" . DT  A 1 6 ? 4.965   0.519   9.015   1.00 31.72 ? 6  DT  A "O5'" 1 
ATOM   109 C "C5'" . DT  A 1 6 ? 4.100   1.089   9.976   1.00 32.53 ? 6  DT  A "C5'" 1 
ATOM   110 C "C4'" . DT  A 1 6 ? 2.672   0.679   9.900   1.00 32.31 ? 6  DT  A "C4'" 1 
ATOM   111 O "O4'" . DT  A 1 6 ? 2.026   1.148   8.715   1.00 31.24 ? 6  DT  A "O4'" 1 
ATOM   112 C "C3'" . DT  A 1 6 ? 2.352   -0.814  10.063  1.00 33.22 ? 6  DT  A "C3'" 1 
ATOM   113 O "O3'" . DT  A 1 6 ? 2.470   -1.187  11.460  1.00 35.00 ? 6  DT  A "O3'" 1 
ATOM   114 C "C2'" . DT  A 1 6 ? 0.915   -0.821  9.455   1.00 33.98 ? 6  DT  A "C2'" 1 
ATOM   115 C "C1'" . DT  A 1 6 ? 1.185   0.058   8.228   1.00 32.42 ? 6  DT  A "C1'" 1 
ATOM   116 N N1    . DT  A 1 6 ? 1.774   -0.663  7.087   1.00 31.16 ? 6  DT  A N1    1 
ATOM   117 C C2    . DT  A 1 6 ? 0.923   -1.402  6.277   1.00 32.12 ? 6  DT  A C2    1 
ATOM   118 O O2    . DT  A 1 6 ? -0.274  -1.457  6.506   1.00 33.66 ? 6  DT  A O2    1 
ATOM   119 N N3    . DT  A 1 6 ? 1.490   -2.066  5.235   1.00 30.08 ? 6  DT  A N3    1 
ATOM   120 C C4    . DT  A 1 6 ? 2.836   -2.060  4.892   1.00 32.29 ? 6  DT  A C4    1 
ATOM   121 O O4    . DT  A 1 6 ? 3.275   -2.617  3.884   1.00 29.93 ? 6  DT  A O4    1 
ATOM   122 C C5    . DT  A 1 6 ? 3.687   -1.284  5.795   1.00 31.65 ? 6  DT  A C5    1 
ATOM   123 C C7    . DT  A 1 6 ? 5.151   -1.151  5.570   1.00 26.52 ? 6  DT  A C7    1 
ATOM   124 C C6    . DT  A 1 6 ? 3.124   -0.687  6.813   1.00 30.79 ? 6  DT  A C6    1 
ATOM   125 P P     . DC  A 1 7 ? 3.103   -2.543  11.999  1.00 34.66 ? 7  DC  A P     1 
ATOM   126 O OP1   . DC  A 1 7 ? 3.565   -2.509  13.437  1.00 40.65 ? 7  DC  A OP1   1 
ATOM   127 O OP2   . DC  A 1 7 ? 4.182   -2.943  11.056  1.00 36.84 ? 7  DC  A OP2   1 
ATOM   128 O "O5'" . DC  A 1 7 ? 1.858   -3.576  11.827  1.00 35.75 ? 7  DC  A "O5'" 1 
ATOM   129 C "C5'" . DC  A 1 7 ? 0.627   -3.290  12.491  1.00 32.75 ? 7  DC  A "C5'" 1 
ATOM   130 C "C4'" . DC  A 1 7 ? -0.485  -4.008  11.804  1.00 32.37 ? 7  DC  A "C4'" 1 
ATOM   131 O "O4'" . DC  A 1 7 ? -0.677  -3.505  10.499  1.00 28.03 ? 7  DC  A "O4'" 1 
ATOM   132 C "C3'" . DC  A 1 7 ? -0.319  -5.522  11.572  1.00 31.49 ? 7  DC  A "C3'" 1 
ATOM   133 O "O3'" . DC  A 1 7 ? -0.566  -6.093  12.827  1.00 37.27 ? 7  DC  A "O3'" 1 
ATOM   134 C "C2'" . DC  A 1 7 ? -1.359  -5.791  10.483  1.00 30.01 ? 7  DC  A "C2'" 1 
ATOM   135 C "C1'" . DC  A 1 7 ? -1.052  -4.586  9.595   1.00 27.90 ? 7  DC  A "C1'" 1 
ATOM   136 N N1    . DC  A 1 7 ? -0.104  -4.838  8.468   1.00 25.84 ? 7  DC  A N1    1 
ATOM   137 C C2    . DC  A 1 7 ? -0.667  -5.304  7.280   1.00 25.63 ? 7  DC  A C2    1 
ATOM   138 O O2    . DC  A 1 7 ? -1.922  -5.483  7.272   1.00 25.50 ? 7  DC  A O2    1 
ATOM   139 N N3    . DC  A 1 7 ? 0.124   -5.538  6.206   1.00 26.86 ? 7  DC  A N3    1 
ATOM   140 C C4    . DC  A 1 7 ? 1.425   -5.291  6.250   1.00 27.49 ? 7  DC  A C4    1 
ATOM   141 N N4    . DC  A 1 7 ? 2.164   -5.487  5.165   1.00 23.50 ? 7  DC  A N4    1 
ATOM   142 C C5    . DC  A 1 7 ? 2.052   -4.768  7.452   1.00 26.46 ? 7  DC  A C5    1 
ATOM   143 C C6    . DC  A 1 7 ? 1.242   -4.570  8.520   1.00 26.98 ? 7  DC  A C6    1 
ATOM   144 P P     . DC  A 1 8 ? -0.148  -7.640  13.176  1.00 38.38 ? 8  DC  A P     1 
ATOM   145 O OP1   . DC  A 1 8 ? -0.839  -7.883  14.470  1.00 44.85 ? 8  DC  A OP1   1 
ATOM   146 O OP2   . DC  A 1 8 ? 1.320   -7.795  13.053  1.00 40.98 ? 8  DC  A OP2   1 
ATOM   147 O "O5'" . DC  A 1 8 ? -0.894  -8.455  12.004  1.00 37.16 ? 8  DC  A "O5'" 1 
ATOM   148 C "C5'" . DC  A 1 8 ? -2.323  -8.660  11.997  1.00 30.32 ? 8  DC  A "C5'" 1 
ATOM   149 C "C4'" . DC  A 1 8 ? -2.685  -9.739  11.014  1.00 28.58 ? 8  DC  A "C4'" 1 
ATOM   150 O "O4'" . DC  A 1 8 ? -2.650  -9.119  9.714   1.00 25.95 ? 8  DC  A "O4'" 1 
ATOM   151 C "C3'" . DC  A 1 8 ? -1.782  -10.977 10.830  1.00 28.38 ? 8  DC  A "C3'" 1 
ATOM   152 O "O3'" . DC  A 1 8 ? -2.002  -11.954 11.834  1.00 28.34 ? 8  DC  A "O3'" 1 
ATOM   153 C "C2'" . DC  A 1 8 ? -2.156  -11.350 9.428   1.00 26.26 ? 8  DC  A "C2'" 1 
ATOM   154 C "C1'" . DC  A 1 8 ? -2.120  -9.989  8.755   1.00 27.05 ? 8  DC  A "C1'" 1 
ATOM   155 N N1    . DC  A 1 8 ? -0.816  -9.571  8.182   1.00 28.62 ? 8  DC  A N1    1 
ATOM   156 C C2    . DC  A 1 8 ? -0.701  -9.845  6.747   1.00 28.59 ? 8  DC  A C2    1 
ATOM   157 O O2    . DC  A 1 8 ? -1.657  -10.352 6.161   1.00 25.51 ? 8  DC  A O2    1 
ATOM   158 N N3    . DC  A 1 8 ? 0.424   -9.464  6.073   1.00 26.04 ? 8  DC  A N3    1 
ATOM   159 C C4    . DC  A 1 8 ? 1.388   -8.851  6.748   1.00 29.10 ? 8  DC  A C4    1 
ATOM   160 N N4    . DC  A 1 8 ? 2.470   -8.497  6.055   1.00 29.64 ? 8  DC  A N4    1 
ATOM   161 C C5    . DC  A 1 8 ? 1.274   -8.567  8.158   1.00 26.95 ? 8  DC  A C5    1 
ATOM   162 C C6    . DC  A 1 8 ? 0.163   -8.903  8.803   1.00 26.70 ? 8  DC  A C6    1 
ATOM   163 O "O5'" . DG  B 1 1 ? 2.560   -11.951 -3.537  1.00 34.68 ? 9  DG  B "O5'" 1 
ATOM   164 C "C5'" . DG  B 1 1 ? 1.659   -12.920 -4.039  1.00 29.60 ? 9  DG  B "C5'" 1 
ATOM   165 C "C4'" . DG  B 1 1 ? 0.693   -13.261 -2.956  1.00 29.89 ? 9  DG  B "C4'" 1 
ATOM   166 O "O4'" . DG  B 1 1 ? 1.328   -13.803 -1.797  1.00 29.03 ? 9  DG  B "O4'" 1 
ATOM   167 C "C3'" . DG  B 1 1 ? -0.134  -12.061 -2.456  1.00 28.21 ? 9  DG  B "C3'" 1 
ATOM   168 O "O3'" . DG  B 1 1 ? -1.001  -11.711 -3.522  1.00 30.23 ? 9  DG  B "O3'" 1 
ATOM   169 C "C2'" . DG  B 1 1 ? -0.672  -12.752 -1.225  1.00 26.50 ? 9  DG  B "C2'" 1 
ATOM   170 C "C1'" . DG  B 1 1 ? 0.595   -13.375 -0.651  1.00 27.39 ? 9  DG  B "C1'" 1 
ATOM   171 N N9    . DG  B 1 1 ? 1.361   -12.420 0.158   1.00 28.40 ? 9  DG  B N9    1 
ATOM   172 C C8    . DG  B 1 1 ? 2.583   -11.814 -0.053  1.00 30.76 ? 9  DG  B C8    1 
ATOM   173 N N7    . DG  B 1 1 ? 2.961   -10.994 0.876   1.00 31.06 ? 9  DG  B N7    1 
ATOM   174 C C5    . DG  B 1 1 ? 1.884   -11.023 1.770   1.00 31.73 ? 9  DG  B C5    1 
ATOM   175 C C6    . DG  B 1 1 ? 1.705   -10.356 3.027   1.00 31.28 ? 9  DG  B C6    1 
ATOM   176 O O6    . DG  B 1 1 ? 2.505   -9.569  3.566   1.00 31.89 ? 9  DG  B O6    1 
ATOM   177 N N1    . DG  B 1 1 ? 0.530   -10.727 3.627   1.00 29.97 ? 9  DG  B N1    1 
ATOM   178 C C2    . DG  B 1 1 ? -0.389  -11.586 3.119   1.00 31.16 ? 9  DG  B C2    1 
ATOM   179 N N2    . DG  B 1 1 ? -1.521  -11.817 3.816   1.00 29.62 ? 9  DG  B N2    1 
ATOM   180 N N3    . DG  B 1 1 ? -0.235  -12.233 1.965   1.00 31.03 ? 9  DG  B N3    1 
ATOM   181 C C4    . DG  B 1 1 ? 0.936   -11.922 1.377   1.00 29.90 ? 9  DG  B C4    1 
ATOM   182 P P     . DG  B 1 2 ? -1.636  -10.247 -3.713  1.00 31.99 ? 10 DG  B P     1 
ATOM   183 O OP1   . DG  B 1 2 ? -2.449  -10.178 -4.927  1.00 32.37 ? 10 DG  B OP1   1 
ATOM   184 O OP2   . DG  B 1 2 ? -0.579  -9.200  -3.584  1.00 36.51 ? 10 DG  B OP2   1 
ATOM   185 O "O5'" . DG  B 1 2 ? -2.559  -10.116 -2.362  1.00 33.71 ? 10 DG  B "O5'" 1 
ATOM   186 C "C5'" . DG  B 1 2 ? -3.883  -10.657 -2.331  1.00 32.63 ? 10 DG  B "C5'" 1 
ATOM   187 C "C4'" . DG  B 1 2 ? -4.505  -10.575 -0.952  1.00 34.41 ? 10 DG  B "C4'" 1 
ATOM   188 O "O4'" . DG  B 1 2 ? -3.672  -11.095 0.111   1.00 33.08 ? 10 DG  B "O4'" 1 
ATOM   189 C "C3'" . DG  B 1 2 ? -4.887  -9.161  -0.494  1.00 31.46 ? 10 DG  B "C3'" 1 
ATOM   190 O "O3'" . DG  B 1 2 ? -6.087  -8.753  -1.153  1.00 31.80 ? 10 DG  B "O3'" 1 
ATOM   191 C "C2'" . DG  B 1 2 ? -5.001  -9.299  0.994   1.00 28.43 ? 10 DG  B "C2'" 1 
ATOM   192 C "C1'" . DG  B 1 2 ? -3.798  -10.164 1.242   1.00 28.55 ? 10 DG  B "C1'" 1 
ATOM   193 N N9    . DG  B 1 2 ? -2.564  -9.386  1.409   1.00 28.76 ? 10 DG  B N9    1 
ATOM   194 C C8    . DG  B 1 2 ? -1.462  -9.244  0.597   1.00 27.65 ? 10 DG  B C8    1 
ATOM   195 N N7    . DG  B 1 2 ? -0.548  -8.476  1.072   1.00 26.34 ? 10 DG  B N7    1 
ATOM   196 C C5    . DG  B 1 2 ? -1.084  -8.029  2.285   1.00 26.50 ? 10 DG  B C5    1 
ATOM   197 C C6    . DG  B 1 2 ? -0.522  -7.152  3.247   1.00 26.78 ? 10 DG  B C6    1 
ATOM   198 O O6    . DG  B 1 2 ? 0.600   -6.581  3.187   1.00 23.97 ? 10 DG  B O6    1 
ATOM   199 N N1    . DG  B 1 2 ? -1.372  -7.000  4.336   1.00 25.89 ? 10 DG  B N1    1 
ATOM   200 C C2    . DG  B 1 2 ? -2.583  -7.632  4.464   1.00 27.38 ? 10 DG  B C2    1 
ATOM   201 N N2    . DG  B 1 2 ? -3.259  -7.386  5.604   1.00 27.52 ? 10 DG  B N2    1 
ATOM   202 N N3    . DG  B 1 2 ? -3.104  -8.418  3.562   1.00 24.41 ? 10 DG  B N3    1 
ATOM   203 C C4    . DG  B 1 2 ? -2.292  -8.605  2.532   1.00 26.77 ? 10 DG  B C4    1 
ATOM   204 P P     . DG  B 1 3 ? -6.098  -7.229  -1.699  1.00 32.98 ? 11 DG  B P     1 
ATOM   205 O OP1   . DG  B 1 3 ? -7.251  -6.980  -2.616  1.00 37.95 ? 11 DG  B OP1   1 
ATOM   206 O OP2   . DG  B 1 3 ? -4.782  -6.665  -2.118  1.00 32.88 ? 11 DG  B OP2   1 
ATOM   207 O "O5'" . DG  B 1 3 ? -6.375  -6.479  -0.257  1.00 35.84 ? 11 DG  B "O5'" 1 
ATOM   208 C "C5'" . DG  B 1 3 ? -7.650  -6.803  0.412   1.00 36.05 ? 11 DG  B "C5'" 1 
ATOM   209 C "C4'" . DG  B 1 3 ? -7.504  -6.128  1.745   1.00 36.25 ? 11 DG  B "C4'" 1 
ATOM   210 O "O4'" . DG  B 1 3 ? -6.360  -6.655  2.420   1.00 36.21 ? 11 DG  B "O4'" 1 
ATOM   211 C "C3'" . DG  B 1 3 ? -7.262  -4.610  1.791   1.00 36.27 ? 11 DG  B "C3'" 1 
ATOM   212 O "O3'" . DG  B 1 3 ? -8.455  -3.975  1.465   1.00 37.69 ? 11 DG  B "O3'" 1 
ATOM   213 C "C2'" . DG  B 1 3 ? -6.893  -4.504  3.256   1.00 35.53 ? 11 DG  B "C2'" 1 
ATOM   214 C "C1'" . DG  B 1 3 ? -5.884  -5.646  3.305   1.00 33.10 ? 11 DG  B "C1'" 1 
ATOM   215 N N9    . DG  B 1 3 ? -4.516  -5.232  2.977   1.00 31.39 ? 11 DG  B N9    1 
ATOM   216 C C8    . DG  B 1 3 ? -3.731  -5.475  1.903   1.00 31.70 ? 11 DG  B C8    1 
ATOM   217 N N7    . DG  B 1 3 ? -2.546  -4.984  1.979   1.00 29.92 ? 11 DG  B N7    1 
ATOM   218 C C5    . DG  B 1 3 ? -2.542  -4.325  3.189   1.00 31.14 ? 11 DG  B C5    1 
ATOM   219 C C6    . DG  B 1 3 ? -1.510  -3.560  3.807   1.00 31.38 ? 11 DG  B C6    1 
ATOM   220 O O6    . DG  B 1 3 ? -0.365  -3.351  3.377   1.00 33.36 ? 11 DG  B O6    1 
ATOM   221 N N1    . DG  B 1 3 ? -1.903  -3.080  5.039   1.00 29.94 ? 11 DG  B N1    1 
ATOM   222 C C2    . DG  B 1 3 ? -3.141  -3.274  5.591   1.00 31.26 ? 11 DG  B C2    1 
ATOM   223 N N2    . DG  B 1 3 ? -3.287  -2.713  6.824   1.00 31.25 ? 11 DG  B N2    1 
ATOM   224 N N3    . DG  B 1 3 ? -4.093  -3.957  5.027   1.00 28.29 ? 11 DG  B N3    1 
ATOM   225 C C4    . DG  B 1 3 ? -3.724  -4.497  3.850   1.00 30.95 ? 11 DG  B C4    1 
ATOM   226 P P     . DG  B 1 4 ? -8.692  -2.453  1.142   1.00 40.81 ? 12 DG  B P     1 
ATOM   227 O OP1   . DG  B 1 4 ? -10.165 -2.268  1.006   1.00 42.75 ? 12 DG  B OP1   1 
ATOM   228 O OP2   . DG  B 1 4 ? -7.868  -2.206  -0.091  1.00 42.29 ? 12 DG  B OP2   1 
ATOM   229 O "O5'" . DG  B 1 4 ? -8.169  -1.425  2.288   1.00 38.30 ? 12 DG  B "O5'" 1 
ATOM   230 C "C5'" . DG  B 1 4 ? -8.731  -1.565  3.606   1.00 32.09 ? 12 DG  B "C5'" 1 
ATOM   231 C "C4'" . DG  B 1 4 ? -8.188  -0.612  4.594   1.00 30.81 ? 12 DG  B "C4'" 1 
ATOM   232 O "O4'" . DG  B 1 4 ? -7.033  -1.289  5.167   1.00 31.22 ? 12 DG  B "O4'" 1 
ATOM   233 C "C3'" . DG  B 1 4 ? -7.711  0.771   4.158   1.00 29.71 ? 12 DG  B "C3'" 1 
ATOM   234 O "O3'" . DG  B 1 4 ? -8.804  1.689   4.122   1.00 34.25 ? 12 DG  B "O3'" 1 
ATOM   235 C "C2'" . DG  B 1 4 ? -6.685  1.087   5.193   1.00 29.23 ? 12 DG  B "C2'" 1 
ATOM   236 C "C1'" . DG  B 1 4 ? -6.002  -0.282  5.343   1.00 30.76 ? 12 DG  B "C1'" 1 
ATOM   237 N N9    . DG  B 1 4 ? -4.934  -0.435  4.359   1.00 30.78 ? 12 DG  B N9    1 
ATOM   238 C C8    . DG  B 1 4 ? -5.018  -1.029  3.112   1.00 30.00 ? 12 DG  B C8    1 
ATOM   239 N N7    . DG  B 1 4 ? -3.913  -1.026  2.504   1.00 31.71 ? 12 DG  B N7    1 
ATOM   240 C C5    . DG  B 1 4 ? -3.010  -0.323  3.316   1.00 31.72 ? 12 DG  B C5    1 
ATOM   241 C C6    . DG  B 1 4 ? -1.639  -0.004  3.101   1.00 31.70 ? 12 DG  B C6    1 
ATOM   242 O O6    . DG  B 1 4 ? -0.950  -0.232  2.100   1.00 29.83 ? 12 DG  B O6    1 
ATOM   243 N N1    . DG  B 1 4 ? -1.098  0.700   4.179   1.00 32.61 ? 12 DG  B N1    1 
ATOM   244 C C2    . DG  B 1 4 ? -1.809  1.035   5.311   1.00 31.90 ? 12 DG  B C2    1 
ATOM   245 N N2    . DG  B 1 4 ? -1.129  1.726   6.246   1.00 32.18 ? 12 DG  B N2    1 
ATOM   246 N N3    . DG  B 1 4 ? -3.086  0.705   5.529   1.00 32.94 ? 12 DG  B N3    1 
ATOM   247 C C4    . DG  B 1 4 ? -3.629  0.030   4.476   1.00 32.03 ? 12 DG  B C4    1 
ATOM   248 P P     . DC  B 1 5 ? -8.970  2.708   2.871   1.00 35.48 ? 13 DC  B P     1 
ATOM   249 O OP1   . DC  B 1 5 ? -10.236 3.405   2.961   1.00 37.87 ? 13 DC  B OP1   1 
ATOM   250 O OP2   . DC  B 1 5 ? -8.738  2.005   1.601   1.00 37.24 ? 13 DC  B OP2   1 
ATOM   251 O "O5'" . DC  B 1 5 ? -7.787  3.792   3.128   1.00 35.08 ? 13 DC  B "O5'" 1 
ATOM   252 C "C5'" . DC  B 1 5 ? -7.894  4.551   4.350   1.00 31.96 ? 13 DC  B "C5'" 1 
ATOM   253 C "C4'" . DC  B 1 5 ? -6.627  5.307   4.529   1.00 32.38 ? 13 DC  B "C4'" 1 
ATOM   254 O "O4'" . DC  B 1 5 ? -5.623  4.272   4.699   1.00 33.31 ? 13 DC  B "O4'" 1 
ATOM   255 C "C3'" . DC  B 1 5 ? -6.065  6.162   3.414   1.00 32.21 ? 13 DC  B "C3'" 1 
ATOM   256 O "O3'" . DC  B 1 5 ? -6.588  7.468   3.547   1.00 34.59 ? 13 DC  B "O3'" 1 
ATOM   257 C "C2'" . DC  B 1 5 ? -4.573  6.155   3.718   1.00 30.63 ? 13 DC  B "C2'" 1 
ATOM   258 C "C1'" . DC  B 1 5 ? -4.398  4.677   4.104   1.00 30.79 ? 13 DC  B "C1'" 1 
ATOM   259 N N1    . DC  B 1 5 ? -3.961  3.785   2.994   1.00 28.69 ? 13 DC  B N1    1 
ATOM   260 C C2    . DC  B 1 5 ? -2.553  3.851   2.754   1.00 30.09 ? 13 DC  B C2    1 
ATOM   261 O O2    . DC  B 1 5 ? -1.832  4.595   3.463   1.00 27.77 ? 13 DC  B O2    1 
ATOM   262 N N3    . DC  B 1 5 ? -2.036  3.089   1.748   1.00 30.22 ? 13 DC  B N3    1 
ATOM   263 C C4    . DC  B 1 5 ? -2.835  2.355   1.006   1.00 29.57 ? 13 DC  B C4    1 
ATOM   264 N N4    . DC  B 1 5 ? -2.276  1.635   0.045   1.00 29.49 ? 13 DC  B N4    1 
ATOM   265 C C5    . DC  B 1 5 ? -4.255  2.311   1.254   1.00 30.30 ? 13 DC  B C5    1 
ATOM   266 C C6    . DC  B 1 5 ? -4.769  3.029   2.229   1.00 28.30 ? 13 DC  B C6    1 
ATOM   267 P P     . DT  B 1 6 ? -6.649  8.398   2.238   1.00 35.03 ? 14 DT  B P     1 
ATOM   268 O OP1   . DT  B 1 6 ? -7.291  9.703   2.729   1.00 40.98 ? 14 DT  B OP1   1 
ATOM   269 O OP2   . DT  B 1 6 ? -7.431  7.655   1.209   1.00 31.37 ? 14 DT  B OP2   1 
ATOM   270 O "O5'" . DT  B 1 6 ? -5.178  8.825   1.870   1.00 33.70 ? 14 DT  B "O5'" 1 
ATOM   271 C "C5'" . DT  B 1 6 ? -4.304  9.525   2.777   1.00 31.37 ? 14 DT  B "C5'" 1 
ATOM   272 C "C4'" . DT  B 1 6 ? -2.897  9.317   2.215   1.00 32.43 ? 14 DT  B "C4'" 1 
ATOM   273 O "O4'" . DT  B 1 6 ? -2.633  7.914   2.163   1.00 32.52 ? 14 DT  B "O4'" 1 
ATOM   274 C "C3'" . DT  B 1 6 ? -2.591  9.757   0.785   1.00 31.98 ? 14 DT  B "C3'" 1 
ATOM   275 O "O3'" . DT  B 1 6 ? -2.399  11.149  0.663   1.00 35.94 ? 14 DT  B "O3'" 1 
ATOM   276 C "C2'" . DT  B 1 6 ? -1.320  8.972   0.455   1.00 32.16 ? 14 DT  B "C2'" 1 
ATOM   277 C "C1'" . DT  B 1 6 ? -1.724  7.623   1.020   1.00 31.15 ? 14 DT  B "C1'" 1 
ATOM   278 N N1    . DT  B 1 6 ? -2.266  6.642   0.076   1.00 28.93 ? 14 DT  B N1    1 
ATOM   279 C C2    . DT  B 1 6 ? -1.332  5.893   -0.636  1.00 29.81 ? 14 DT  B C2    1 
ATOM   280 O O2    . DT  B 1 6 ? -0.152  6.002   -0.642  1.00 27.98 ? 14 DT  B O2    1 
ATOM   281 N N3    . DT  B 1 6 ? -1.841  4.921   -1.471  1.00 28.94 ? 14 DT  B N3    1 
ATOM   282 C C4    . DT  B 1 6 ? -3.172  4.655   -1.676  1.00 28.35 ? 14 DT  B C4    1 
ATOM   283 O O4    . DT  B 1 6 ? -3.432  3.795   -2.496  1.00 31.86 ? 14 DT  B O4    1 
ATOM   284 C C5    . DT  B 1 6 ? -4.092  5.432   -0.889  1.00 30.21 ? 14 DT  B C5    1 
ATOM   285 C C7    . DT  B 1 6 ? -5.578  5.218   -0.967  1.00 26.57 ? 14 DT  B C7    1 
ATOM   286 C C6    . DT  B 1 6 ? -3.609  6.377   -0.082  1.00 30.11 ? 14 DT  B C6    1 
ATOM   287 P P     . DC  B 1 7 ? -2.523  11.907  -0.811  1.00 35.09 ? 15 DC  B P     1 
ATOM   288 O OP1   . DC  B 1 7 ? -2.685  13.340  -0.425  1.00 38.26 ? 15 DC  B OP1   1 
ATOM   289 O OP2   . DC  B 1 7 ? -3.601  11.209  -1.589  1.00 35.61 ? 15 DC  B OP2   1 
ATOM   290 O "O5'" . DC  B 1 7 ? -1.114  11.591  -1.438  1.00 34.33 ? 15 DC  B "O5'" 1 
ATOM   291 C "C5'" . DC  B 1 7 ? 0.024   12.413  -1.135  1.00 32.94 ? 15 DC  B "C5'" 1 
ATOM   292 C "C4'" . DC  B 1 7 ? 1.160   11.874  -1.919  1.00 31.99 ? 15 DC  B "C4'" 1 
ATOM   293 O "O4'" . DC  B 1 7 ? 1.321   10.475  -1.664  1.00 34.51 ? 15 DC  B "O4'" 1 
ATOM   294 C "C3'" . DC  B 1 7 ? 1.001   11.920  -3.431  1.00 32.21 ? 15 DC  B "C3'" 1 
ATOM   295 O "O3'" . DC  B 1 7 ? 1.270   13.175  -3.871  1.00 29.25 ? 15 DC  B "O3'" 1 
ATOM   296 C "C2'" . DC  B 1 7 ? 2.128   10.930  -3.833  1.00 33.36 ? 15 DC  B "C2'" 1 
ATOM   297 C "C1'" . DC  B 1 7 ? 1.707   9.817   -2.868  1.00 31.74 ? 15 DC  B "C1'" 1 
ATOM   298 N N1    . DC  B 1 7 ? 0.696   8.910   -3.434  1.00 31.72 ? 15 DC  B N1    1 
ATOM   299 C C2    . DC  B 1 7 ? 1.185   7.866   -4.231  1.00 28.20 ? 15 DC  B C2    1 
ATOM   300 O O2    . DC  B 1 7 ? 2.395   7.851   -4.418  1.00 27.12 ? 15 DC  B O2    1 
ATOM   301 N N3    . DC  B 1 7 ? 0.341   6.964   -4.776  1.00 29.14 ? 15 DC  B N3    1 
ATOM   302 C C4    . DC  B 1 7 ? -0.971  7.072   -4.520  1.00 31.48 ? 15 DC  B C4    1 
ATOM   303 N N4    . DC  B 1 7 ? -1.858  6.200   -5.016  1.00 30.99 ? 15 DC  B N4    1 
ATOM   304 C C5    . DC  B 1 7 ? -1.499  8.131   -3.688  1.00 31.78 ? 15 DC  B C5    1 
ATOM   305 C C6    . DC  B 1 7 ? -0.663  9.030   -3.211  1.00 32.20 ? 15 DC  B C6    1 
ATOM   306 P P     . DC  B 1 8 ? 1.128   13.777  -5.343  1.00 29.84 ? 16 DC  B P     1 
ATOM   307 O OP1   . DC  B 1 8 ? 1.717   15.139  -5.208  1.00 28.89 ? 16 DC  B OP1   1 
ATOM   308 O OP2   . DC  B 1 8 ? -0.289  13.616  -5.758  1.00 25.17 ? 16 DC  B OP2   1 
ATOM   309 O "O5'" . DC  B 1 8 ? 2.029   12.897  -6.382  1.00 32.04 ? 16 DC  B "O5'" 1 
ATOM   310 C "C5'" . DC  B 1 8 ? 3.416   13.150  -6.629  1.00 33.43 ? 16 DC  B "C5'" 1 
ATOM   311 C "C4'" . DC  B 1 8 ? 4.042   12.220  -7.618  1.00 35.01 ? 16 DC  B "C4'" 1 
ATOM   312 O "O4'" . DC  B 1 8 ? 3.622   10.869  -7.398  1.00 32.52 ? 16 DC  B "O4'" 1 
ATOM   313 C "C3'" . DC  B 1 8 ? 3.785   12.487  -9.105  1.00 34.67 ? 16 DC  B "C3'" 1 
ATOM   314 O "O3'" . DC  B 1 8 ? 5.071   12.412  -9.731  1.00 37.20 ? 16 DC  B "O3'" 1 
ATOM   315 C "C2'" . DC  B 1 8 ? 2.896   11.364  -9.578  1.00 33.17 ? 16 DC  B "C2'" 1 
ATOM   316 C "C1'" . DC  B 1 8 ? 3.074   10.278  -8.548  1.00 31.42 ? 16 DC  B "C1'" 1 
ATOM   317 N N1    . DC  B 1 8 ? 1.825   9.544   -8.291  1.00 32.77 ? 16 DC  B N1    1 
ATOM   318 C C2    . DC  B 1 8 ? 1.656   8.351   -9.074  1.00 32.04 ? 16 DC  B C2    1 
ATOM   319 O O2    . DC  B 1 8 ? 2.547   8.023   -9.875  1.00 30.91 ? 16 DC  B O2    1 
ATOM   320 N N3    . DC  B 1 8 ? 0.549   7.589   -8.940  1.00 29.47 ? 16 DC  B N3    1 
ATOM   321 C C4    . DC  B 1 8 ? -0.384  7.982   -8.072  1.00 30.61 ? 16 DC  B C4    1 
ATOM   322 N N4    . DC  B 1 8 ? -1.443  7.177   -7.983  1.00 31.63 ? 16 DC  B N4    1 
ATOM   323 C C5    . DC  B 1 8 ? -0.247  9.158   -7.276  1.00 31.06 ? 16 DC  B C5    1 
ATOM   324 C C6    . DC  B 1 8 ? 0.851   9.896   -7.420  1.00 32.59 ? 16 DC  B C6    1 
HETATM 325 O O     . HOH C 2 . ? 7.231   4.614   -8.339  1.00 48.42 ? 21 HOH A O     1 
HETATM 326 O O     . HOH C 2 . ? 6.212   3.329   12.254  1.00 55.45 ? 23 HOH A O     1 
HETATM 327 O O     . HOH C 2 . ? -5.674  -11.640 9.343   1.00 42.29 ? 24 HOH A O     1 
HETATM 328 O O     . HOH C 2 . ? 3.113   6.705   3.335   1.00 28.99 ? 26 HOH A O     1 
HETATM 329 O O     . HOH C 2 . ? 6.519   -0.400  0.486   1.00 30.05 ? 29 HOH A O     1 
HETATM 330 O O     . HOH C 2 . ? 11.798  4.031   4.425   1.00 49.96 ? 30 HOH A O     1 
HETATM 331 O O     . HOH C 2 . ? 3.960   0.325   -3.164  1.00 73.66 ? 31 HOH A O     1 
HETATM 332 O O     . HOH C 2 . ? -4.317  4.221   -11.491 1.00 60.93 ? 34 HOH A O     1 
HETATM 333 O O     . HOH C 2 . ? 4.813   -3.978  -9.973  1.00 76.35 ? 35 HOH A O     1 
HETATM 334 O O     . HOH C 2 . ? 5.643   -3.195  8.446   1.00 52.43 ? 36 HOH A O     1 
HETATM 335 O O     . HOH C 2 . ? 4.086   -1.571  0.455   1.00 52.10 ? 37 HOH A O     1 
HETATM 336 O O     . HOH C 2 . ? 9.202   -1.575  3.763   1.00 67.43 ? 39 HOH A O     1 
HETATM 337 O O     . HOH C 2 . ? 2.082   -6.014  -11.944 1.00 77.32 ? 42 HOH A O     1 
HETATM 338 O O     . HOH C 2 . ? 6.961   -3.734  -11.837 1.00 67.33 ? 46 HOH A O     1 
HETATM 339 O O     . HOH C 2 . ? -1.617  -11.757 14.921  1.00 41.59 ? 49 HOH A O     1 
HETATM 340 O O     . HOH C 2 . ? -2.154  2.442   -8.424  1.00 52.36 ? 52 HOH A O     1 
HETATM 341 O O     . HOH C 2 . ? -1.457  -3.106  -11.562 1.00 77.86 ? 54 HOH A O     1 
HETATM 342 O O     . HOH C 2 . ? -2.560  -7.139  -11.582 1.00 42.91 ? 55 HOH A O     1 
HETATM 343 O O     . HOH C 2 . ? -2.479  0.374   -6.715  1.00 51.02 ? 57 HOH A O     1 
HETATM 344 O O     . HOH C 2 . ? 0.190   0.950   -5.980  1.00 52.42 ? 58 HOH A O     1 
HETATM 345 O O     . HOH C 2 . ? -0.848  -5.483  -12.795 1.00 57.07 ? 59 HOH A O     1 
HETATM 346 O O     . HOH C 2 . ? 3.620   -5.754  14.793  1.00 59.77 ? 60 HOH A O     1 
HETATM 347 O O     . HOH C 2 . ? -0.598  0.539   -3.098  1.00 85.13 ? 62 HOH A O     1 
HETATM 348 O O     . HOH C 2 . ? -0.049  -3.509  19.995  1.00 67.54 ? 64 HOH A O     1 
HETATM 349 O O     . HOH C 2 . ? 0.767   -4.029  16.739  1.00 69.10 ? 65 HOH A O     1 
HETATM 350 O O     . HOH C 2 . ? 0.486   -6.626  -9.999  1.00 70.61 ? 66 HOH A O     1 
HETATM 351 O O     . HOH C 2 . ? -4.897  -10.838 6.384   1.00 53.72 ? 67 HOH A O     1 
HETATM 352 O O     . HOH C 2 . ? -3.000  -0.467  -10.287 1.00 59.22 ? 68 HOH A O     1 
HETATM 353 O O     . HOH D 2 . ? -4.349  -2.248  -0.360  1.00 42.74 ? 17 HOH B O     1 
HETATM 354 O O     . HOH D 2 . ? -4.947  8.814   -3.137  1.00 56.55 ? 18 HOH B O     1 
HETATM 355 O O     . HOH D 2 . ? -3.586  -13.709 3.652   1.00 13.17 ? 19 HOH B O     1 
HETATM 356 O O     . HOH D 2 . ? -2.301  13.964  -3.927  1.00 61.44 ? 20 HOH B O     1 
HETATM 357 O O     . HOH D 2 . ? 2.226   -4.549  1.675   1.00 53.19 ? 22 HOH B O     1 
HETATM 358 O O     . HOH D 2 . ? -7.014  0.693   0.097   1.00 78.16 ? 25 HOH B O     1 
HETATM 359 O O     . HOH D 2 . ? -0.926  -4.822  -0.801  1.00 69.00 ? 27 HOH B O     1 
HETATM 360 O O     . HOH D 2 . ? -1.336  -2.269  0.168   1.00 37.89 ? 28 HOH B O     1 
HETATM 361 O O     . HOH D 2 . ? -4.805  6.135   -4.655  1.00 56.92 ? 32 HOH B O     1 
HETATM 362 O O     . HOH D 2 . ? 3.932   17.070  -4.285  1.00 81.51 ? 33 HOH B O     1 
HETATM 363 O O     . HOH D 2 . ? -1.193  -10.877 -7.163  1.00 57.88 ? 38 HOH B O     1 
HETATM 364 O O     . HOH D 2 . ? -4.420  0.341   -2.300  1.00 52.29 ? 40 HOH B O     1 
HETATM 365 O O     . HOH D 2 . ? -7.799  -8.367  -6.094  1.00 75.26 ? 41 HOH B O     1 
HETATM 366 O O     . HOH D 2 . ? -2.274  2.320   -4.377  1.00 58.82 ? 43 HOH B O     1 
HETATM 367 O O     . HOH D 2 . ? -6.568  -2.440  -2.811  1.00 73.45 ? 44 HOH B O     1 
HETATM 368 O O     . HOH D 2 . ? -3.627  9.496   -6.605  1.00 78.42 ? 45 HOH B O     1 
HETATM 369 O O     . HOH D 2 . ? -4.765  -9.320  -6.120  1.00 54.41 ? 47 HOH B O     1 
HETATM 370 O O     . HOH D 2 . ? 1.518   -3.663  -0.766  1.00 59.30 ? 48 HOH B O     1 
HETATM 371 O O     . HOH D 2 . ? -5.625  -9.263  4.100   1.00 54.03 ? 50 HOH B O     1 
HETATM 372 O O     . HOH D 2 . ? -2.454  11.808  -5.882  1.00 51.48 ? 51 HOH B O     1 
HETATM 373 O O     . HOH D 2 . ? -6.480  -4.249  6.417   1.00 55.03 ? 53 HOH B O     1 
HETATM 374 O O     . HOH D 2 . ? -6.430  -12.885 4.011   1.00 74.74 ? 56 HOH B O     1 
HETATM 375 O O     . HOH D 2 . ? -6.837  9.061   -1.215  1.00 55.15 ? 61 HOH B O     1 
HETATM 376 O O     . HOH D 2 . ? -0.331  6.056   5.846   1.00 46.05 ? 63 HOH B O     1 
# 
